data_2GHI
#
_entry.id   2GHI
#
_cell.length_a   61.015
_cell.length_b   70.689
_cell.length_c   74.384
_cell.angle_alpha   69.81
_cell.angle_beta   76.69
_cell.angle_gamma   82.29
#
_symmetry.space_group_name_H-M   'P 1'
#
loop_
_entity.id
_entity.type
_entity.pdbx_description
1 polymer 'transport protein'
2 non-polymer 'SULFATE ION'
3 water water
#
_entity_poly.entity_id   1
_entity_poly.type   'polypeptide(L)'
_entity_poly.pdbx_seq_one_letter_code
;GLESFSLTSHEKKFGVNIEFSDVNFSYPKQTNHRTLKSINFFIPSGTTCALVGHTGSGKSTIAKLLYRFYDAEGDIKIGG
KNVNKYNRNSIRSIIGIVPQDTILFNETIKYNILYGKLDATDEEVIKATKSAQLYDFIEALPKKWDTIVGNKGMKLSGGE
RQRIAIARCLLKDPKIVIFDEATSSLDSKTEYLFQKAVEDLRKNRTLIIIAHRLSTISSAESIILLNKGKIVEKGTHKDL
LKLNGEYAEMWNMQSGGNDI
;
_entity_poly.pdbx_strand_id   A,B,C,D
#
# COMPACT_ATOMS: atom_id res chain seq x y z
N LEU A 2 -8.09 -14.35 32.34
CA LEU A 2 -9.22 -14.42 31.33
C LEU A 2 -8.85 -15.22 30.13
N GLU A 3 -9.78 -16.03 29.65
CA GLU A 3 -9.53 -16.96 28.56
C GLU A 3 -9.73 -16.31 27.20
N SER A 4 -9.23 -17.01 26.19
CA SER A 4 -9.45 -16.68 24.80
C SER A 4 -10.58 -17.50 24.24
N PHE A 5 -11.61 -16.85 23.71
CA PHE A 5 -12.70 -17.58 23.07
C PHE A 5 -12.19 -18.57 21.98
N SER A 6 -12.75 -19.79 21.93
CA SER A 6 -12.51 -20.70 20.78
C SER A 6 -13.80 -21.31 20.24
N LEU A 7 -13.91 -21.36 18.91
CA LEU A 7 -15.04 -22.00 18.28
C LEU A 7 -14.73 -23.49 18.14
N THR A 8 -15.72 -24.34 18.40
CA THR A 8 -15.64 -25.78 18.05
C THR A 8 -15.41 -25.90 16.53
N SER A 9 -15.03 -27.10 16.05
CA SER A 9 -14.83 -27.34 14.64
C SER A 9 -16.12 -27.17 13.88
N HIS A 10 -17.21 -27.66 14.47
CA HIS A 10 -18.53 -27.48 13.89
C HIS A 10 -18.91 -25.98 13.79
N GLU A 11 -18.74 -25.25 14.89
CA GLU A 11 -18.97 -23.79 14.92
C GLU A 11 -18.18 -23.04 13.87
N LYS A 12 -16.89 -23.37 13.75
CA LYS A 12 -16.03 -22.80 12.68
C LYS A 12 -16.57 -23.09 11.29
N LYS A 13 -17.13 -24.27 11.10
CA LYS A 13 -17.65 -24.62 9.79
C LYS A 13 -18.97 -23.94 9.51
N PHE A 14 -19.89 -23.89 10.48
CA PHE A 14 -21.30 -23.51 10.24
C PHE A 14 -21.90 -22.29 11.01
N GLY A 15 -21.26 -21.86 12.09
CA GLY A 15 -21.67 -20.60 12.80
C GLY A 15 -21.92 -20.91 14.26
N VAL A 16 -22.21 -19.89 15.06
CA VAL A 16 -22.35 -20.02 16.49
C VAL A 16 -23.66 -19.40 16.94
N ASN A 17 -24.26 -19.97 17.99
CA ASN A 17 -25.44 -19.38 18.54
C ASN A 17 -25.16 -18.19 19.48
N ILE A 18 -26.19 -17.36 19.66
CA ILE A 18 -26.11 -16.17 20.49
C ILE A 18 -27.31 -16.16 21.38
N GLU A 19 -27.09 -15.94 22.67
CA GLU A 19 -28.19 -15.67 23.62
C GLU A 19 -28.00 -14.39 24.49
N PHE A 20 -29.08 -13.61 24.72
CA PHE A 20 -29.09 -12.60 25.79
C PHE A 20 -30.04 -13.04 26.88
N SER A 21 -29.62 -13.09 28.16
CA SER A 21 -30.54 -13.43 29.27
C SER A 21 -30.72 -12.28 30.27
N ASP A 22 -31.96 -11.89 30.48
CA ASP A 22 -32.25 -10.68 31.29
C ASP A 22 -31.15 -9.61 31.26
N VAL A 23 -30.92 -9.11 30.05
CA VAL A 23 -29.88 -8.14 29.80
C VAL A 23 -30.53 -6.76 30.01
N ASN A 24 -29.86 -5.91 30.75
CA ASN A 24 -30.30 -4.55 31.00
C ASN A 24 -29.04 -3.64 30.82
N PHE A 25 -29.22 -2.51 30.14
CA PHE A 25 -28.16 -1.57 29.91
C PHE A 25 -28.67 -0.12 29.85
N SER A 26 -27.83 0.76 30.34
CA SER A 26 -27.86 2.19 30.13
C SER A 26 -26.46 2.64 29.77
N TYR A 27 -26.36 3.63 28.90
CA TYR A 27 -25.10 4.26 28.55
C TYR A 27 -24.60 5.00 29.78
N PRO A 28 -23.26 5.17 29.94
CA PRO A 28 -22.69 5.80 31.13
C PRO A 28 -23.34 7.13 31.55
N LYS A 29 -23.69 7.98 30.59
CA LYS A 29 -24.23 9.31 30.90
C LYS A 29 -25.74 9.32 30.97
N GLN A 30 -26.36 8.19 30.58
CA GLN A 30 -27.80 7.97 30.61
C GLN A 30 -28.16 7.53 32.01
N THR A 31 -28.28 8.49 32.92
CA THR A 31 -28.33 8.19 34.38
C THR A 31 -29.72 7.99 34.97
N ASN A 32 -30.75 8.20 34.15
CA ASN A 32 -32.13 8.01 34.60
C ASN A 32 -32.91 6.81 34.08
N HIS A 33 -32.64 6.39 32.84
CA HIS A 33 -33.40 5.36 32.12
C HIS A 33 -32.48 4.31 31.48
N ARG A 34 -33.00 3.12 31.18
CA ARG A 34 -32.20 2.20 30.34
C ARG A 34 -32.52 2.25 28.85
N THR A 35 -31.50 1.95 28.06
CA THR A 35 -31.64 1.78 26.64
C THR A 35 -32.17 0.36 26.33
N LEU A 36 -31.91 -0.60 27.21
CA LEU A 36 -32.34 -1.99 27.04
C LEU A 36 -32.87 -2.52 28.35
N LYS A 37 -33.96 -3.28 28.22
CA LYS A 37 -34.83 -3.69 29.34
C LYS A 37 -35.19 -5.15 29.32
N SER A 38 -34.51 -5.93 30.15
CA SER A 38 -34.90 -7.28 30.41
C SER A 38 -34.92 -8.00 29.06
N ILE A 39 -33.84 -7.88 28.31
CA ILE A 39 -33.75 -8.38 26.98
C ILE A 39 -33.42 -9.86 27.07
N ASN A 40 -34.32 -10.66 26.54
CA ASN A 40 -34.13 -12.12 26.40
C ASN A 40 -34.42 -12.45 25.00
N PHE A 41 -33.47 -13.16 24.35
CA PHE A 41 -33.62 -13.72 23.01
C PHE A 41 -32.53 -14.77 22.74
N PHE A 42 -32.76 -15.65 21.78
CA PHE A 42 -31.74 -16.67 21.45
C PHE A 42 -31.63 -16.72 19.94
N ILE A 43 -30.42 -16.59 19.39
CA ILE A 43 -30.30 -16.78 17.94
C ILE A 43 -29.65 -18.14 17.58
N PRO A 44 -30.42 -19.07 16.99
CA PRO A 44 -29.79 -20.36 16.63
C PRO A 44 -28.64 -20.18 15.67
N SER A 45 -27.60 -20.98 15.80
CA SER A 45 -26.42 -20.89 14.96
C SER A 45 -26.71 -21.06 13.47
N GLY A 46 -26.04 -20.20 12.70
CA GLY A 46 -26.17 -20.22 11.27
C GLY A 46 -27.49 -19.70 10.72
N THR A 47 -28.24 -18.94 11.52
CA THR A 47 -29.52 -18.40 11.08
C THR A 47 -29.36 -16.89 10.93
N THR A 48 -30.42 -16.25 10.45
CA THR A 48 -30.46 -14.79 10.42
C THR A 48 -31.50 -14.21 11.38
N CYS A 49 -31.14 -13.10 12.01
CA CYS A 49 -32.02 -12.44 12.96
C CYS A 49 -32.03 -10.95 12.62
N ALA A 50 -33.23 -10.40 12.40
CA ALA A 50 -33.39 -8.99 12.11
C ALA A 50 -33.85 -8.30 13.37
N LEU A 51 -33.22 -7.17 13.69
CA LEU A 51 -33.62 -6.29 14.79
C LEU A 51 -34.26 -5.03 14.20
N VAL A 52 -35.51 -4.78 14.60
CA VAL A 52 -36.35 -3.75 13.94
C VAL A 52 -36.94 -2.91 15.05
N GLY A 53 -37.41 -1.70 14.72
CA GLY A 53 -37.95 -0.79 15.72
C GLY A 53 -37.64 0.65 15.37
N HIS A 54 -38.42 1.56 15.93
CA HIS A 54 -38.20 2.97 15.65
C HIS A 54 -36.83 3.37 16.17
N THR A 55 -36.21 4.41 15.62
CA THR A 55 -35.01 5.00 16.24
C THR A 55 -35.34 5.13 17.72
N GLY A 56 -34.37 4.86 18.58
CA GLY A 56 -34.56 4.97 20.03
C GLY A 56 -34.80 3.61 20.67
N SER A 57 -35.26 2.66 19.87
CA SER A 57 -35.71 1.39 20.41
C SER A 57 -34.63 0.60 21.14
N GLY A 58 -33.36 0.81 20.79
CA GLY A 58 -32.24 0.06 21.39
C GLY A 58 -31.59 -0.99 20.48
N LYS A 59 -32.05 -1.04 19.23
CA LYS A 59 -31.51 -1.91 18.15
C LYS A 59 -30.00 -1.95 18.03
N SER A 60 -29.39 -0.76 17.98
CA SER A 60 -27.94 -0.70 17.78
C SER A 60 -27.16 -0.94 19.03
N THR A 61 -27.78 -0.72 20.17
CA THR A 61 -27.10 -1.02 21.40
C THR A 61 -26.91 -2.54 21.60
N ILE A 62 -27.81 -3.37 21.10
CA ILE A 62 -27.66 -4.82 21.20
C ILE A 62 -26.34 -5.28 20.56
N ALA A 63 -26.00 -4.72 19.40
CA ALA A 63 -24.78 -4.96 18.66
C ALA A 63 -23.50 -4.60 19.38
N LYS A 64 -23.55 -3.41 19.98
CA LYS A 64 -22.46 -2.86 20.78
C LYS A 64 -22.11 -3.68 22.00
N LEU A 65 -23.10 -4.33 22.56
CA LEU A 65 -22.91 -5.19 23.69
C LEU A 65 -22.30 -6.55 23.20
N LEU A 66 -22.84 -7.09 22.11
CA LEU A 66 -22.21 -8.33 21.48
C LEU A 66 -20.75 -8.06 21.17
N TYR A 67 -20.42 -6.87 20.63
CA TYR A 67 -19.00 -6.54 20.31
C TYR A 67 -18.19 -6.00 21.50
N ARG A 68 -18.78 -6.08 22.69
CA ARG A 68 -18.10 -5.72 23.92
C ARG A 68 -17.70 -4.25 24.00
N PHE A 69 -18.39 -3.41 23.24
CA PHE A 69 -18.06 -1.95 23.35
C PHE A 69 -18.33 -1.37 24.73
N TYR A 70 -19.35 -1.91 25.41
CA TYR A 70 -19.85 -1.51 26.74
C TYR A 70 -20.13 -2.79 27.51
N ASP A 71 -20.26 -2.70 28.84
CA ASP A 71 -20.61 -3.88 29.65
C ASP A 71 -22.08 -3.80 30.05
N ALA A 72 -22.81 -4.91 29.94
CA ALA A 72 -24.21 -4.96 30.40
C ALA A 72 -24.45 -5.75 31.65
N GLU A 73 -25.62 -5.60 32.31
CA GLU A 73 -26.01 -6.40 33.49
C GLU A 73 -26.83 -7.50 32.89
N GLY A 74 -26.63 -8.74 33.36
CA GLY A 74 -27.28 -9.88 32.70
C GLY A 74 -26.31 -10.72 31.93
N ASP A 75 -26.79 -11.64 31.12
CA ASP A 75 -25.85 -12.58 30.48
C ASP A 75 -25.87 -12.54 28.98
N ILE A 76 -24.68 -12.42 28.40
CA ILE A 76 -24.52 -12.55 26.96
C ILE A 76 -23.68 -13.81 26.67
N LYS A 77 -24.21 -14.73 25.91
CA LYS A 77 -23.52 -15.99 25.69
C LYS A 77 -23.39 -16.25 24.23
N ILE A 78 -22.19 -16.67 23.84
CA ILE A 78 -21.93 -17.04 22.47
C ILE A 78 -21.59 -18.55 22.48
N GLY A 79 -22.21 -19.33 21.64
CA GLY A 79 -21.95 -20.80 21.67
C GLY A 79 -22.14 -21.42 23.05
N GLY A 80 -23.15 -20.97 23.76
CA GLY A 80 -23.41 -21.41 25.15
C GLY A 80 -22.44 -20.90 26.19
N LYS A 81 -21.43 -20.12 25.79
CA LYS A 81 -20.37 -19.71 26.73
C LYS A 81 -20.46 -18.18 27.09
N ASN A 82 -20.35 -17.83 28.35
CA ASN A 82 -20.55 -16.42 28.78
C ASN A 82 -19.37 -15.54 28.37
N VAL A 83 -19.62 -14.45 27.65
CA VAL A 83 -18.52 -13.55 27.17
C VAL A 83 -17.66 -12.90 28.29
N ASN A 84 -18.15 -12.94 29.52
CA ASN A 84 -17.42 -12.28 30.61
C ASN A 84 -16.24 -13.13 31.14
N LYS A 85 -16.15 -14.36 30.64
CA LYS A 85 -15.05 -15.28 30.94
C LYS A 85 -13.87 -15.06 29.98
N TYR A 86 -14.10 -14.35 28.88
CA TYR A 86 -13.07 -14.17 27.87
C TYR A 86 -12.59 -12.71 27.73
N ASN A 87 -11.37 -12.58 27.23
CA ASN A 87 -10.84 -11.27 26.89
C ASN A 87 -11.61 -10.77 25.62
N ARG A 88 -11.87 -9.45 25.58
CA ARG A 88 -12.65 -8.81 24.49
C ARG A 88 -12.17 -9.11 23.05
N ASN A 89 -10.85 -9.14 22.86
CA ASN A 89 -10.29 -9.26 21.53
C ASN A 89 -10.55 -10.64 20.89
N SER A 90 -10.82 -11.64 21.71
CA SER A 90 -11.00 -13.01 21.18
C SER A 90 -12.45 -13.09 20.85
N ILE A 91 -13.26 -12.20 21.42
CA ILE A 91 -14.67 -12.28 21.07
C ILE A 91 -14.85 -11.56 19.71
N ARG A 92 -14.20 -10.40 19.59
CA ARG A 92 -14.30 -9.51 18.44
C ARG A 92 -13.74 -10.20 17.21
N SER A 93 -12.79 -11.10 17.41
CA SER A 93 -12.19 -11.76 16.25
C SER A 93 -13.14 -12.67 15.53
N ILE A 94 -14.22 -13.12 16.19
CA ILE A 94 -15.24 -13.95 15.52
C ILE A 94 -16.49 -13.22 15.02
N ILE A 95 -16.53 -11.89 15.26
CA ILE A 95 -17.62 -11.01 14.86
C ILE A 95 -17.18 -9.97 13.80
N GLY A 96 -17.96 -9.79 12.74
CA GLY A 96 -17.68 -8.74 11.76
C GLY A 96 -18.85 -7.75 11.76
N ILE A 97 -18.54 -6.44 11.78
CA ILE A 97 -19.52 -5.40 11.69
C ILE A 97 -19.46 -4.75 10.31
N VAL A 98 -20.62 -4.65 9.67
CA VAL A 98 -20.84 -3.91 8.47
C VAL A 98 -21.72 -2.76 8.97
N PRO A 99 -21.13 -1.57 9.21
CA PRO A 99 -21.98 -0.51 9.81
C PRO A 99 -22.73 0.28 8.78
N GLN A 100 -23.70 1.06 9.26
CA GLN A 100 -24.42 2.04 8.41
C GLN A 100 -23.47 2.89 7.61
N ASP A 101 -22.47 3.42 8.30
CA ASP A 101 -21.54 4.36 7.73
C ASP A 101 -20.10 3.91 8.00
N THR A 102 -19.36 3.64 6.93
CA THR A 102 -17.97 3.19 6.98
C THR A 102 -17.05 4.35 6.61
N ILE A 103 -16.12 4.68 7.50
CA ILE A 103 -15.09 5.66 7.23
C ILE A 103 -13.85 5.06 6.58
N LEU A 104 -13.49 5.62 5.45
CA LEU A 104 -12.41 5.12 4.68
C LEU A 104 -11.06 5.73 5.05
N PHE A 105 -10.02 4.91 4.99
CA PHE A 105 -8.67 5.45 5.08
C PHE A 105 -8.37 6.10 3.73
N ASN A 106 -7.60 7.19 3.83
CA ASN A 106 -7.02 7.86 2.70
C ASN A 106 -5.90 6.97 2.14
N GLU A 107 -6.23 6.12 1.19
CA GLU A 107 -5.29 5.08 0.73
C GLU A 107 -5.95 4.41 -0.45
N THR A 108 -5.33 3.42 -1.07
CA THR A 108 -6.02 2.78 -2.21
C THR A 108 -7.29 2.05 -1.80
N ILE A 109 -8.22 1.86 -2.74
CA ILE A 109 -9.36 1.02 -2.49
C ILE A 109 -8.93 -0.38 -2.02
N LYS A 110 -7.81 -0.87 -2.53
CA LYS A 110 -7.37 -2.26 -2.23
C LYS A 110 -6.85 -2.29 -0.81
N TYR A 111 -6.11 -1.25 -0.42
CA TYR A 111 -5.72 -1.10 0.98
C TYR A 111 -6.98 -1.10 1.90
N ASN A 112 -8.06 -0.47 1.46
CA ASN A 112 -9.25 -0.25 2.33
C ASN A 112 -9.92 -1.61 2.49
N ILE A 113 -9.89 -2.40 1.43
CA ILE A 113 -10.44 -3.77 1.50
C ILE A 113 -9.64 -4.71 2.38
N LEU A 114 -8.32 -4.75 2.19
CA LEU A 114 -7.45 -5.76 2.82
C LEU A 114 -7.31 -5.53 4.29
N TYR A 115 -7.74 -4.33 4.71
CA TYR A 115 -7.83 -4.00 6.13
C TYR A 115 -8.68 -5.05 6.87
N GLY A 116 -9.66 -5.65 6.19
CA GLY A 116 -10.37 -6.79 6.74
C GLY A 116 -9.48 -7.96 7.16
N LYS A 117 -8.29 -8.04 6.59
CA LYS A 117 -7.39 -9.18 6.75
C LYS A 117 -6.21 -8.89 5.90
N LEU A 118 -5.20 -8.24 6.49
CA LEU A 118 -3.98 -7.70 5.85
C LEU A 118 -3.22 -8.75 4.98
N ASP A 119 -3.32 -9.97 5.48
CA ASP A 119 -2.93 -11.28 4.92
C ASP A 119 -3.50 -11.75 3.58
N ALA A 120 -4.69 -11.28 3.23
CA ALA A 120 -5.46 -11.93 2.17
C ALA A 120 -4.69 -12.05 0.84
N THR A 121 -4.84 -13.18 0.17
CA THR A 121 -4.21 -13.37 -1.15
C THR A 121 -4.99 -12.56 -2.16
N ASP A 122 -4.42 -12.29 -3.34
CA ASP A 122 -5.17 -11.52 -4.36
C ASP A 122 -6.41 -12.23 -4.76
N GLU A 123 -6.31 -13.55 -4.73
CA GLU A 123 -7.42 -14.46 -4.95
C GLU A 123 -8.54 -14.35 -3.91
N GLU A 124 -8.23 -14.40 -2.62
CA GLU A 124 -9.26 -14.14 -1.61
C GLU A 124 -9.83 -12.70 -1.77
N VAL A 125 -8.99 -11.75 -2.16
CA VAL A 125 -9.43 -10.36 -2.30
C VAL A 125 -10.43 -10.24 -3.46
N ILE A 126 -10.17 -10.93 -4.59
CA ILE A 126 -11.05 -10.88 -5.74
C ILE A 126 -12.40 -11.51 -5.42
N LYS A 127 -12.37 -12.66 -4.78
CA LYS A 127 -13.58 -13.36 -4.40
C LYS A 127 -14.47 -12.51 -3.45
N ALA A 128 -13.85 -11.92 -2.41
CA ALA A 128 -14.52 -10.98 -1.49
C ALA A 128 -15.13 -9.82 -2.22
N THR A 129 -14.40 -9.25 -3.17
CA THR A 129 -14.92 -8.07 -3.89
C THR A 129 -16.02 -8.41 -4.88
N LYS A 130 -15.95 -9.60 -5.48
CA LYS A 130 -17.05 -10.12 -6.29
C LYS A 130 -18.32 -10.44 -5.48
N SER A 131 -18.19 -11.12 -4.35
CA SER A 131 -19.31 -11.30 -3.41
C SER A 131 -19.92 -9.98 -2.91
N ALA A 132 -19.07 -9.00 -2.55
CA ALA A 132 -19.54 -7.69 -2.06
C ALA A 132 -20.23 -6.88 -3.15
N GLN A 133 -20.18 -7.35 -4.40
CA GLN A 133 -20.73 -6.64 -5.56
C GLN A 133 -19.97 -5.36 -5.88
N LEU A 134 -18.64 -5.43 -5.86
CA LEU A 134 -17.77 -4.29 -5.87
C LEU A 134 -16.75 -4.48 -7.00
N TYR A 135 -16.65 -5.70 -7.54
CA TYR A 135 -15.72 -6.00 -8.61
C TYR A 135 -15.95 -5.18 -9.89
N ASP A 136 -17.16 -5.16 -10.47
CA ASP A 136 -17.35 -4.35 -11.70
C ASP A 136 -17.09 -2.87 -11.44
N PHE A 137 -17.47 -2.36 -10.25
CA PHE A 137 -17.19 -0.95 -9.85
C PHE A 137 -15.70 -0.69 -9.87
N ILE A 138 -14.92 -1.62 -9.36
CA ILE A 138 -13.47 -1.39 -9.28
C ILE A 138 -12.75 -1.58 -10.63
N GLU A 139 -13.10 -2.65 -11.36
CA GLU A 139 -12.62 -2.86 -12.75
C GLU A 139 -12.86 -1.62 -13.64
N ALA A 140 -14.00 -0.96 -13.47
CA ALA A 140 -14.24 0.29 -14.21
C ALA A 140 -13.45 1.54 -13.76
N LEU A 141 -12.73 1.50 -12.65
CA LEU A 141 -12.13 2.74 -12.10
C LEU A 141 -10.86 3.07 -12.86
N PRO A 142 -10.57 4.39 -13.02
CA PRO A 142 -9.37 4.68 -13.81
C PRO A 142 -8.07 4.08 -13.24
N LYS A 143 -7.85 4.04 -11.93
CA LYS A 143 -6.65 3.30 -11.50
C LYS A 143 -6.94 1.90 -10.92
N LYS A 144 -8.18 1.42 -11.14
CA LYS A 144 -8.71 0.21 -10.52
C LYS A 144 -8.40 0.09 -9.01
N TRP A 145 -7.72 -0.98 -8.61
CA TRP A 145 -7.28 -1.21 -7.22
C TRP A 145 -6.53 -0.05 -6.55
N ASP A 146 -5.82 0.70 -7.37
CA ASP A 146 -4.89 1.63 -6.86
C ASP A 146 -5.59 3.01 -6.72
N THR A 147 -6.91 3.07 -6.92
CA THR A 147 -7.66 4.31 -6.84
C THR A 147 -7.68 4.80 -5.38
N ILE A 148 -7.25 6.02 -5.13
CA ILE A 148 -7.25 6.59 -3.78
C ILE A 148 -8.67 7.07 -3.52
N VAL A 149 -9.17 6.61 -2.37
CA VAL A 149 -10.50 6.89 -1.89
C VAL A 149 -10.34 7.60 -0.55
N GLY A 150 -11.43 7.84 0.14
CA GLY A 150 -11.33 8.60 1.36
C GLY A 150 -11.64 10.05 1.05
N ASN A 151 -11.34 10.95 1.97
CA ASN A 151 -11.83 12.34 1.83
C ASN A 151 -10.89 13.28 1.07
N LYS A 152 -9.62 12.86 0.94
CA LYS A 152 -8.72 13.22 -0.14
C LYS A 152 -8.75 11.96 -0.98
N GLY A 153 -9.24 12.06 -2.19
CA GLY A 153 -9.46 10.89 -3.04
C GLY A 153 -10.84 10.86 -3.65
N MET A 154 -11.17 9.77 -4.32
CA MET A 154 -12.44 9.71 -4.94
C MET A 154 -13.50 9.59 -3.82
N LYS A 155 -14.63 10.27 -3.95
CA LYS A 155 -15.67 10.10 -2.93
C LYS A 155 -16.49 8.96 -3.43
N LEU A 156 -16.79 8.07 -2.49
CA LEU A 156 -17.66 6.94 -2.71
C LEU A 156 -19.00 7.22 -2.05
N SER A 157 -20.09 6.77 -2.65
CA SER A 157 -21.37 6.80 -1.99
C SER A 157 -21.33 6.02 -0.66
N GLY A 158 -22.43 6.04 0.10
CA GLY A 158 -22.62 5.22 1.29
C GLY A 158 -22.77 3.72 0.90
N GLY A 159 -23.53 3.48 -0.15
CA GLY A 159 -23.72 2.16 -0.69
C GLY A 159 -22.40 1.53 -1.02
N GLU A 160 -21.56 2.21 -1.80
CA GLU A 160 -20.21 1.75 -2.15
C GLU A 160 -19.29 1.54 -0.99
N ARG A 161 -19.30 2.47 0.00
CA ARG A 161 -18.45 2.31 1.21
C ARG A 161 -18.86 1.13 2.03
N GLN A 162 -20.15 0.89 2.12
CA GLN A 162 -20.67 -0.28 2.78
C GLN A 162 -20.30 -1.60 2.08
N ARG A 163 -20.20 -1.59 0.74
CA ARG A 163 -19.66 -2.74 0.01
C ARG A 163 -18.19 -3.02 0.30
N ILE A 164 -17.37 -1.98 0.52
CA ILE A 164 -16.01 -2.17 1.06
C ILE A 164 -16.08 -2.86 2.42
N ALA A 165 -17.03 -2.41 3.25
CA ALA A 165 -17.22 -2.99 4.60
C ALA A 165 -17.65 -4.46 4.51
N ILE A 166 -18.48 -4.79 3.54
CA ILE A 166 -18.89 -6.21 3.29
C ILE A 166 -17.75 -7.09 2.89
N ALA A 167 -16.93 -6.61 1.96
CA ALA A 167 -15.67 -7.21 1.55
C ALA A 167 -14.64 -7.35 2.68
N ARG A 168 -14.45 -6.31 3.48
CA ARG A 168 -13.59 -6.40 4.66
C ARG A 168 -14.06 -7.59 5.49
N CYS A 169 -15.37 -7.66 5.70
CA CYS A 169 -15.99 -8.66 6.55
C CYS A 169 -15.80 -10.10 6.00
N LEU A 170 -16.00 -10.28 4.71
CA LEU A 170 -15.81 -11.61 4.08
C LEU A 170 -14.34 -12.06 4.20
N LEU A 171 -13.41 -11.11 4.04
CA LEU A 171 -12.00 -11.36 4.30
C LEU A 171 -11.71 -11.72 5.75
N LYS A 172 -12.27 -10.95 6.68
CA LYS A 172 -12.18 -11.33 8.09
C LYS A 172 -12.69 -12.77 8.31
N ASP A 173 -13.72 -13.16 7.56
CA ASP A 173 -14.40 -14.43 7.75
C ASP A 173 -14.85 -14.72 9.21
N PRO A 174 -15.63 -13.82 9.82
CA PRO A 174 -16.02 -14.14 11.16
C PRO A 174 -17.14 -15.24 11.11
N LYS A 175 -17.58 -15.71 12.27
CA LYS A 175 -18.72 -16.61 12.34
C LYS A 175 -20.03 -15.89 12.72
N ILE A 176 -19.89 -14.67 13.27
CA ILE A 176 -21.02 -13.76 13.49
C ILE A 176 -20.87 -12.50 12.62
N VAL A 177 -21.94 -12.10 11.92
CA VAL A 177 -21.89 -10.93 11.09
C VAL A 177 -22.98 -10.07 11.63
N ILE A 178 -22.67 -8.80 11.90
CA ILE A 178 -23.66 -7.80 12.30
C ILE A 178 -23.71 -6.76 11.17
N PHE A 179 -24.89 -6.54 10.58
CA PHE A 179 -25.04 -5.84 9.29
C PHE A 179 -26.08 -4.76 9.48
N ASP A 180 -25.66 -3.52 9.70
CA ASP A 180 -26.65 -2.42 9.73
C ASP A 180 -26.97 -2.01 8.28
N GLU A 181 -28.20 -2.27 7.85
CA GLU A 181 -28.56 -2.03 6.47
C GLU A 181 -28.77 -0.55 6.17
N ALA A 182 -28.15 -0.11 5.09
CA ALA A 182 -28.26 1.24 4.60
C ALA A 182 -28.69 1.18 3.08
N THR A 183 -29.74 0.41 2.80
CA THR A 183 -30.43 0.44 1.51
C THR A 183 -31.25 1.73 1.45
N SER A 184 -31.59 2.14 0.24
CA SER A 184 -32.23 3.43 0.02
C SER A 184 -33.56 3.18 -0.65
N SER A 185 -34.60 3.85 -0.19
CA SER A 185 -35.86 3.68 -0.88
C SER A 185 -35.97 4.54 -2.18
N LEU A 186 -34.90 5.28 -2.53
CA LEU A 186 -34.79 5.99 -3.81
C LEU A 186 -34.37 5.09 -4.97
N ASP A 187 -33.78 3.93 -4.66
CA ASP A 187 -33.22 3.06 -5.68
C ASP A 187 -33.25 1.59 -5.28
N SER A 188 -34.17 0.84 -5.89
CA SER A 188 -34.32 -0.58 -5.64
C SER A 188 -33.08 -1.48 -5.98
N LYS A 189 -32.14 -1.03 -6.79
CA LYS A 189 -30.88 -1.75 -6.92
C LYS A 189 -30.08 -1.89 -5.60
N THR A 190 -30.11 -0.87 -4.76
CA THR A 190 -29.45 -0.92 -3.45
C THR A 190 -29.91 -2.16 -2.64
N GLU A 191 -31.21 -2.43 -2.61
CA GLU A 191 -31.75 -3.60 -1.89
C GLU A 191 -31.39 -4.95 -2.56
N TYR A 192 -31.34 -4.94 -3.88
CA TYR A 192 -30.96 -6.14 -4.61
C TYR A 192 -29.47 -6.47 -4.41
N LEU A 193 -28.63 -5.43 -4.42
CA LEU A 193 -27.21 -5.53 -4.04
C LEU A 193 -27.06 -6.07 -2.61
N PHE A 194 -27.69 -5.38 -1.67
CA PHE A 194 -27.85 -5.86 -0.31
C PHE A 194 -28.08 -7.38 -0.20
N GLN A 195 -29.16 -7.88 -0.77
CA GLN A 195 -29.52 -9.29 -0.73
C GLN A 195 -28.46 -10.22 -1.33
N LYS A 196 -27.87 -9.78 -2.44
CA LYS A 196 -26.74 -10.46 -3.08
C LYS A 196 -25.56 -10.64 -2.11
N ALA A 197 -25.27 -9.58 -1.36
CA ALA A 197 -24.28 -9.57 -0.29
C ALA A 197 -24.71 -10.45 0.89
N VAL A 198 -25.90 -10.21 1.44
CA VAL A 198 -26.51 -11.04 2.49
C VAL A 198 -26.43 -12.56 2.18
N GLU A 199 -26.72 -12.93 0.93
CA GLU A 199 -26.64 -14.32 0.51
C GLU A 199 -25.27 -14.91 0.75
N ASP A 200 -24.22 -14.14 0.47
CA ASP A 200 -22.83 -14.61 0.66
C ASP A 200 -22.37 -14.49 2.09
N LEU A 201 -22.68 -13.35 2.70
CA LEU A 201 -22.52 -13.10 4.13
C LEU A 201 -23.07 -14.19 5.05
N ARG A 202 -24.30 -14.63 4.76
CA ARG A 202 -25.03 -15.59 5.58
C ARG A 202 -24.40 -16.98 5.49
N LYS A 203 -23.64 -17.24 4.42
CA LYS A 203 -23.26 -18.63 4.12
C LYS A 203 -22.41 -19.19 5.24
N ASN A 204 -23.02 -20.05 6.04
CA ASN A 204 -22.32 -20.68 7.17
C ASN A 204 -21.93 -19.70 8.31
N ARG A 205 -22.80 -18.72 8.56
CA ARG A 205 -22.60 -17.73 9.59
C ARG A 205 -23.91 -17.35 10.26
N THR A 206 -23.79 -16.81 11.46
CA THR A 206 -24.92 -16.25 12.11
C THR A 206 -24.93 -14.75 11.85
N LEU A 207 -26.05 -14.30 11.28
CA LEU A 207 -26.13 -12.96 10.72
C LEU A 207 -27.23 -12.23 11.40
N ILE A 208 -26.90 -11.07 11.97
CA ILE A 208 -27.85 -10.17 12.57
C ILE A 208 -27.95 -8.93 11.69
N ILE A 209 -29.18 -8.63 11.26
CA ILE A 209 -29.40 -7.47 10.46
C ILE A 209 -30.12 -6.41 11.34
N ILE A 210 -29.48 -5.28 11.57
CA ILE A 210 -30.23 -4.11 11.99
C ILE A 210 -30.93 -3.46 10.76
N ALA A 211 -32.25 -3.58 10.70
CA ALA A 211 -33.08 -3.11 9.58
C ALA A 211 -33.83 -1.82 9.88
N HIS A 212 -33.85 -0.92 8.92
CA HIS A 212 -34.61 0.32 9.07
C HIS A 212 -35.77 0.25 8.07
N ARG A 213 -35.55 -0.44 6.97
CA ARG A 213 -36.58 -0.70 6.04
C ARG A 213 -36.91 -2.17 6.12
N LEU A 214 -38.12 -2.47 6.59
CA LEU A 214 -38.57 -3.83 6.93
C LEU A 214 -38.55 -4.83 5.78
N SER A 215 -38.65 -4.33 4.57
CA SER A 215 -38.70 -5.18 3.40
C SER A 215 -37.35 -5.84 3.17
N THR A 216 -36.28 -5.25 3.69
CA THR A 216 -34.98 -5.90 3.56
C THR A 216 -34.90 -7.23 4.34
N ILE A 217 -35.88 -7.47 5.21
CA ILE A 217 -35.78 -8.40 6.35
C ILE A 217 -36.83 -9.53 6.38
N SER A 218 -37.74 -9.50 5.44
CA SER A 218 -38.96 -10.29 5.55
C SER A 218 -38.67 -11.80 5.49
N SER A 219 -37.52 -12.23 4.98
CA SER A 219 -37.31 -13.68 4.96
C SER A 219 -36.37 -14.13 6.06
N ALA A 220 -36.04 -13.19 6.96
CA ALA A 220 -35.23 -13.48 8.14
C ALA A 220 -35.90 -14.53 8.97
N GLU A 221 -35.13 -15.53 9.41
CA GLU A 221 -35.62 -16.65 10.21
C GLU A 221 -36.21 -16.16 11.54
N SER A 222 -35.85 -14.95 11.97
CA SER A 222 -36.39 -14.43 13.20
C SER A 222 -36.35 -12.94 13.17
N ILE A 223 -37.44 -12.31 13.51
CA ILE A 223 -37.47 -10.87 13.59
C ILE A 223 -37.79 -10.47 15.01
N ILE A 224 -36.97 -9.61 15.59
CA ILE A 224 -37.26 -9.08 16.89
C ILE A 224 -37.55 -7.56 16.82
N LEU A 225 -38.71 -7.17 17.32
CA LEU A 225 -39.16 -5.83 17.27
C LEU A 225 -38.96 -5.19 18.65
N LEU A 226 -38.19 -4.12 18.68
CA LEU A 226 -37.94 -3.42 19.93
C LEU A 226 -38.81 -2.20 19.99
N ASN A 227 -39.33 -1.91 21.17
CA ASN A 227 -40.04 -0.62 21.40
C ASN A 227 -39.51 -0.06 22.72
N LYS A 228 -38.89 1.11 22.65
CA LYS A 228 -38.28 1.72 23.84
C LYS A 228 -37.52 0.78 24.83
N GLY A 229 -36.67 -0.09 24.27
CA GLY A 229 -35.72 -0.87 25.07
C GLY A 229 -36.28 -2.22 25.36
N LYS A 230 -37.59 -2.35 25.19
CA LYS A 230 -38.26 -3.62 25.40
C LYS A 230 -38.55 -4.27 24.05
N ILE A 231 -38.31 -5.57 24.03
CA ILE A 231 -38.74 -6.45 22.97
C ILE A 231 -40.24 -6.60 23.14
N VAL A 232 -41.01 -6.09 22.16
CA VAL A 232 -42.47 -6.25 22.25
C VAL A 232 -43.04 -7.41 21.41
N GLU A 233 -42.37 -7.83 20.33
CA GLU A 233 -42.86 -8.95 19.50
C GLU A 233 -41.71 -9.71 18.88
N LYS A 234 -41.93 -11.00 18.57
CA LYS A 234 -40.88 -11.85 18.03
C LYS A 234 -41.51 -12.93 17.17
N GLY A 235 -40.99 -13.13 15.96
CA GLY A 235 -41.36 -14.25 15.18
C GLY A 235 -40.85 -14.00 13.80
N THR A 236 -41.43 -14.72 12.85
CA THR A 236 -41.11 -14.57 11.48
C THR A 236 -42.10 -13.54 10.95
N HIS A 237 -41.85 -13.06 9.74
CA HIS A 237 -42.67 -12.10 9.03
C HIS A 237 -44.18 -12.44 8.97
N LYS A 238 -44.51 -13.65 8.50
CA LYS A 238 -45.90 -14.10 8.35
C LYS A 238 -46.64 -14.05 9.68
N ASP A 239 -46.04 -14.63 10.71
CA ASP A 239 -46.58 -14.62 12.05
C ASP A 239 -46.75 -13.19 12.62
N LEU A 240 -45.77 -12.31 12.44
CA LEU A 240 -45.84 -10.92 12.96
C LEU A 240 -46.94 -10.09 12.33
N LEU A 241 -47.20 -10.31 11.03
CA LEU A 241 -48.32 -9.68 10.31
C LEU A 241 -49.69 -10.14 10.81
N LYS A 242 -49.84 -11.46 10.91
CA LYS A 242 -51.00 -12.14 11.50
C LYS A 242 -51.31 -11.68 12.92
N LEU A 243 -50.27 -11.37 13.67
CA LEU A 243 -50.39 -10.81 15.02
C LEU A 243 -51.07 -9.47 14.94
N ASN A 244 -50.88 -8.80 13.82
CA ASN A 244 -51.52 -7.51 13.65
C ASN A 244 -51.13 -6.53 14.76
N GLY A 245 -49.87 -6.57 15.22
CA GLY A 245 -49.44 -5.65 16.32
C GLY A 245 -48.63 -4.53 15.73
N GLU A 246 -47.53 -4.14 16.37
CA GLU A 246 -46.63 -3.07 15.88
C GLU A 246 -45.85 -3.44 14.64
N TYR A 247 -45.42 -4.68 14.47
CA TYR A 247 -44.68 -4.94 13.26
C TYR A 247 -45.60 -4.81 12.04
N ALA A 248 -46.88 -5.17 12.21
CA ALA A 248 -47.86 -5.05 11.15
C ALA A 248 -48.16 -3.60 10.87
N GLU A 249 -48.38 -2.79 11.91
CA GLU A 249 -48.49 -1.34 11.69
C GLU A 249 -47.32 -0.74 10.87
N MET A 250 -46.06 -0.89 11.32
CA MET A 250 -44.88 -0.44 10.56
C MET A 250 -44.87 -0.96 9.12
N TRP A 251 -45.06 -2.25 8.99
CA TRP A 251 -44.99 -2.86 7.71
C TRP A 251 -45.97 -2.16 6.78
N ASN A 252 -47.18 -1.91 7.27
CA ASN A 252 -48.17 -1.25 6.45
C ASN A 252 -47.92 0.20 6.19
N MET A 253 -47.31 0.90 7.14
CA MET A 253 -46.95 2.29 6.89
C MET A 253 -45.90 2.33 5.80
N GLN A 254 -44.95 1.40 5.84
CA GLN A 254 -43.80 1.41 4.93
C GLN A 254 -44.19 0.88 3.58
N SER A 255 -45.29 0.15 3.56
CA SER A 255 -45.82 -0.34 2.33
C SER A 255 -46.74 0.70 1.68
N GLY A 256 -47.41 1.50 2.52
CA GLY A 256 -48.47 2.41 2.06
C GLY A 256 -49.68 1.63 1.53
N LEU B 2 7.05 17.85 -28.34
CA LEU B 2 8.16 18.74 -27.83
C LEU B 2 9.52 18.30 -28.37
N GLU B 3 10.33 19.29 -28.78
CA GLU B 3 11.73 19.12 -29.22
C GLU B 3 12.63 18.28 -28.26
N SER B 4 13.61 17.58 -28.82
CA SER B 4 14.59 16.82 -28.06
C SER B 4 15.72 17.70 -27.60
N PHE B 5 16.10 17.54 -26.33
CA PHE B 5 17.33 18.16 -25.81
C PHE B 5 18.52 17.56 -26.57
N SER B 6 19.51 18.38 -26.91
CA SER B 6 20.75 17.80 -27.35
C SER B 6 21.94 18.49 -26.75
N LEU B 7 23.01 17.75 -26.58
CA LEU B 7 24.24 18.33 -26.03
C LEU B 7 25.10 18.89 -27.14
N THR B 8 25.78 20.00 -26.89
CA THR B 8 26.86 20.42 -27.73
C THR B 8 27.97 19.35 -27.61
N SER B 9 28.92 19.34 -28.55
CA SER B 9 29.98 18.37 -28.44
C SER B 9 31.01 18.71 -27.37
N HIS B 10 31.15 19.99 -27.01
CA HIS B 10 31.90 20.32 -25.81
C HIS B 10 31.20 19.66 -24.61
N GLU B 11 29.87 19.70 -24.55
CA GLU B 11 29.15 19.06 -23.46
C GLU B 11 29.25 17.51 -23.47
N LYS B 12 29.18 16.91 -24.66
CA LYS B 12 29.32 15.45 -24.77
C LYS B 12 30.65 15.03 -24.21
N LYS B 13 31.66 15.85 -24.40
CA LYS B 13 33.00 15.53 -23.92
C LYS B 13 33.21 15.89 -22.45
N PHE B 14 32.69 17.03 -22.01
CA PHE B 14 33.11 17.48 -20.69
C PHE B 14 32.05 17.48 -19.57
N GLY B 15 30.77 17.36 -19.92
CA GLY B 15 29.71 17.34 -18.90
C GLY B 15 28.78 18.48 -19.20
N VAL B 16 27.66 18.58 -18.48
CA VAL B 16 26.71 19.71 -18.68
C VAL B 16 26.47 20.44 -17.34
N ASN B 17 26.16 21.73 -17.37
CA ASN B 17 25.87 22.24 -16.07
C ASN B 17 24.42 22.18 -15.71
N ILE B 18 24.16 22.26 -14.42
CA ILE B 18 22.81 22.15 -13.90
C ILE B 18 22.43 23.40 -13.10
N GLU B 19 21.21 23.89 -13.26
CA GLU B 19 20.76 25.00 -12.43
C GLU B 19 19.33 24.90 -11.93
N PHE B 20 19.13 25.12 -10.63
CA PHE B 20 17.81 25.29 -10.02
C PHE B 20 17.62 26.79 -9.67
N SER B 21 16.54 27.42 -10.14
CA SER B 21 16.25 28.84 -9.72
C SER B 21 14.89 28.97 -9.12
N ASP B 22 14.87 29.40 -7.88
CA ASP B 22 13.64 29.59 -7.10
C ASP B 22 12.65 28.48 -7.32
N VAL B 23 13.14 27.26 -7.12
CA VAL B 23 12.34 26.04 -7.18
C VAL B 23 11.56 25.73 -5.87
N ASN B 24 10.26 25.47 -6.05
CA ASN B 24 9.35 25.02 -5.02
C ASN B 24 8.76 23.74 -5.51
N PHE B 25 8.37 22.84 -4.61
CA PHE B 25 7.71 21.61 -5.02
C PHE B 25 7.00 20.88 -3.93
N SER B 26 5.76 20.48 -4.22
CA SER B 26 5.00 19.58 -3.41
C SER B 26 4.61 18.46 -4.36
N TYR B 27 4.60 17.22 -3.87
CA TYR B 27 4.19 16.08 -4.68
C TYR B 27 2.72 16.32 -4.87
N PRO B 28 2.10 15.76 -5.95
CA PRO B 28 0.66 15.89 -6.28
C PRO B 28 -0.33 15.64 -5.15
N LYS B 29 -0.09 14.57 -4.36
CA LYS B 29 -0.87 14.27 -3.17
C LYS B 29 -0.34 14.85 -1.86
N GLN B 30 0.78 15.53 -1.89
CA GLN B 30 1.30 16.17 -0.68
C GLN B 30 0.63 17.54 -0.60
N THR B 31 -0.53 17.58 0.06
CA THR B 31 -1.43 18.75 -0.02
C THR B 31 -1.24 19.86 1.02
N ASN B 32 -0.31 19.72 1.97
CA ASN B 32 -0.13 20.76 2.99
C ASN B 32 1.23 21.38 3.10
N HIS B 33 2.29 20.61 2.86
CA HIS B 33 3.60 21.22 2.93
C HIS B 33 4.34 21.11 1.60
N ARG B 34 5.36 21.95 1.45
CA ARG B 34 6.29 21.83 0.35
C ARG B 34 7.43 20.86 0.68
N THR B 35 7.81 20.00 -0.25
CA THR B 35 9.07 19.26 -0.05
C THR B 35 10.29 20.18 -0.25
N LEU B 36 10.22 21.04 -1.26
CA LEU B 36 11.31 21.96 -1.58
C LEU B 36 10.82 23.42 -1.54
N LYS B 37 11.54 24.30 -0.89
CA LYS B 37 11.14 25.73 -0.68
C LYS B 37 12.21 26.62 -1.24
N SER B 38 11.93 27.32 -2.35
CA SER B 38 12.82 28.38 -2.92
C SER B 38 14.25 27.93 -3.16
N ILE B 39 14.44 26.81 -3.83
CA ILE B 39 15.76 26.24 -4.01
C ILE B 39 16.56 26.91 -5.11
N ASN B 40 17.80 27.31 -4.79
CA ASN B 40 18.69 27.95 -5.76
C ASN B 40 20.07 27.37 -5.65
N PHE B 41 20.55 26.77 -6.74
CA PHE B 41 21.93 26.31 -6.75
C PHE B 41 22.42 26.10 -8.19
N PHE B 42 23.73 26.05 -8.42
CA PHE B 42 24.19 25.88 -9.80
C PHE B 42 25.32 24.87 -9.68
N ILE B 43 25.44 23.92 -10.61
CA ILE B 43 26.51 22.86 -10.56
C ILE B 43 27.26 22.97 -11.87
N PRO B 44 28.53 23.40 -11.84
CA PRO B 44 29.34 23.54 -13.06
C PRO B 44 29.49 22.17 -13.73
N SER B 45 29.61 22.14 -15.06
CA SER B 45 29.75 20.87 -15.77
C SER B 45 31.02 20.14 -15.36
N GLY B 46 30.97 18.83 -15.24
CA GLY B 46 32.17 18.10 -14.89
C GLY B 46 32.51 18.19 -13.42
N THR B 47 31.53 18.58 -12.61
CA THR B 47 31.83 18.59 -11.18
C THR B 47 30.84 17.75 -10.42
N THR B 48 31.19 17.41 -9.18
CA THR B 48 30.21 16.76 -8.36
C THR B 48 29.74 17.63 -7.24
N CYS B 49 28.46 17.42 -6.94
CA CYS B 49 27.70 18.09 -5.93
C CYS B 49 27.07 17.06 -5.00
N ALA B 50 27.52 17.09 -3.75
CA ALA B 50 26.93 16.36 -2.63
C ALA B 50 25.72 17.05 -2.01
N LEU B 51 24.61 16.32 -2.03
CA LEU B 51 23.41 16.67 -1.27
C LEU B 51 23.41 15.90 0.09
N VAL B 52 23.43 16.70 1.16
CA VAL B 52 23.43 16.17 2.53
C VAL B 52 22.28 16.79 3.29
N GLY B 53 21.95 16.21 4.45
CA GLY B 53 20.80 16.62 5.24
C GLY B 53 20.02 15.40 5.76
N HIS B 54 19.18 15.62 6.78
CA HIS B 54 18.37 14.56 7.40
C HIS B 54 17.33 14.01 6.46
N THR B 55 16.92 12.77 6.72
CA THR B 55 15.83 12.14 5.99
C THR B 55 14.65 13.08 6.05
N GLY B 56 14.01 13.32 4.92
CA GLY B 56 12.89 14.25 4.86
C GLY B 56 13.32 15.65 4.44
N SER B 57 14.61 15.92 4.35
CA SER B 57 15.07 17.22 3.88
C SER B 57 14.79 17.55 2.39
N GLY B 58 14.51 16.52 1.55
CA GLY B 58 14.20 16.69 0.14
C GLY B 58 15.34 16.44 -0.86
N LYS B 59 16.46 15.86 -0.40
CA LYS B 59 17.57 15.59 -1.27
C LYS B 59 17.17 14.71 -2.47
N SER B 60 16.37 13.68 -2.26
CA SER B 60 16.03 12.77 -3.40
C SER B 60 14.92 13.36 -4.26
N THR B 61 14.18 14.30 -3.69
CA THR B 61 13.25 15.13 -4.50
C THR B 61 13.94 15.94 -5.56
N ILE B 62 15.13 16.45 -5.22
CA ILE B 62 15.97 17.16 -6.19
C ILE B 62 16.38 16.24 -7.37
N ALA B 63 16.86 15.05 -7.04
CA ALA B 63 17.17 14.00 -8.07
C ALA B 63 15.95 13.74 -8.91
N LYS B 64 14.81 13.50 -8.29
CA LYS B 64 13.56 13.24 -9.03
C LYS B 64 13.09 14.26 -10.08
N LEU B 65 13.18 15.53 -9.71
CA LEU B 65 12.88 16.64 -10.58
C LEU B 65 13.92 16.82 -11.66
N LEU B 66 15.21 16.60 -11.36
CA LEU B 66 16.19 16.60 -12.47
C LEU B 66 15.87 15.48 -13.47
N TYR B 67 15.49 14.32 -12.95
CA TYR B 67 15.06 13.23 -13.79
C TYR B 67 13.62 13.42 -14.31
N ARG B 68 13.08 14.64 -14.17
CA ARG B 68 11.76 14.93 -14.78
C ARG B 68 10.65 13.93 -14.44
N PHE B 69 10.65 13.42 -13.20
CA PHE B 69 9.54 12.58 -12.72
C PHE B 69 8.29 13.46 -12.43
N TYR B 70 8.56 14.69 -12.00
CA TYR B 70 7.55 15.71 -11.77
C TYR B 70 8.15 16.99 -12.28
N ASP B 71 7.29 18.02 -12.36
CA ASP B 71 7.63 19.42 -12.76
C ASP B 71 7.82 20.23 -11.51
N ALA B 72 8.79 21.13 -11.51
CA ALA B 72 8.91 22.09 -10.42
C ALA B 72 8.03 23.27 -10.72
N GLU B 73 7.71 24.03 -9.69
CA GLU B 73 7.46 25.46 -9.86
C GLU B 73 8.83 26.14 -9.81
N GLY B 74 9.13 27.02 -10.74
CA GLY B 74 10.43 27.64 -10.77
C GLY B 74 11.16 26.93 -11.87
N ASP B 75 12.47 27.16 -12.01
CA ASP B 75 13.16 26.79 -13.26
C ASP B 75 14.29 25.80 -13.06
N ILE B 76 14.22 24.71 -13.83
CA ILE B 76 15.34 23.76 -13.84
C ILE B 76 15.93 23.81 -15.21
N LYS B 77 17.19 24.22 -15.23
CA LYS B 77 17.98 24.37 -16.45
C LYS B 77 19.17 23.39 -16.58
N ILE B 78 19.36 22.85 -17.77
CA ILE B 78 20.52 21.99 -18.08
C ILE B 78 21.28 22.62 -19.25
N GLY B 79 22.56 22.89 -19.05
CA GLY B 79 23.31 23.61 -20.05
C GLY B 79 22.74 24.99 -20.38
N GLY B 80 22.05 25.63 -19.40
CA GLY B 80 21.52 26.99 -19.58
C GLY B 80 20.12 26.98 -20.19
N LYS B 81 19.62 25.78 -20.48
CA LYS B 81 18.37 25.57 -21.20
C LYS B 81 17.31 25.01 -20.26
N ASN B 82 16.11 25.57 -20.33
CA ASN B 82 15.00 25.09 -19.53
C ASN B 82 14.45 23.74 -19.98
N VAL B 83 14.30 22.85 -19.00
CA VAL B 83 13.96 21.45 -19.26
C VAL B 83 12.53 21.27 -19.76
N ASN B 84 11.69 22.23 -19.41
CA ASN B 84 10.26 22.26 -19.74
C ASN B 84 10.02 22.45 -21.27
N LYS B 85 11.07 22.90 -21.97
CA LYS B 85 11.06 23.04 -23.41
C LYS B 85 11.25 21.71 -24.13
N TYR B 86 11.55 20.62 -23.41
CA TYR B 86 11.84 19.34 -24.10
C TYR B 86 11.04 18.15 -23.67
N ASN B 87 10.95 17.18 -24.56
CA ASN B 87 10.39 15.90 -24.14
C ASN B 87 11.19 15.35 -22.93
N ARG B 88 10.49 14.69 -22.00
CA ARG B 88 11.13 14.10 -20.79
C ARG B 88 12.19 13.03 -21.16
N ASN B 89 11.88 12.19 -22.14
CA ASN B 89 12.80 11.09 -22.52
C ASN B 89 14.18 11.57 -23.02
N SER B 90 14.19 12.70 -23.73
CA SER B 90 15.43 13.26 -24.25
C SER B 90 16.30 13.77 -23.13
N ILE B 91 15.67 14.21 -22.03
CA ILE B 91 16.42 14.65 -20.85
C ILE B 91 16.93 13.46 -20.08
N ARG B 92 16.06 12.49 -19.87
CA ARG B 92 16.46 11.21 -19.21
C ARG B 92 17.55 10.45 -19.90
N SER B 93 17.79 10.71 -21.17
CA SER B 93 18.70 9.85 -21.92
C SER B 93 20.14 10.25 -21.65
N ILE B 94 20.34 11.48 -21.12
CA ILE B 94 21.67 11.97 -20.81
C ILE B 94 22.00 11.71 -19.32
N ILE B 95 21.01 11.30 -18.53
CA ILE B 95 21.20 11.04 -17.07
C ILE B 95 21.22 9.54 -16.76
N GLY B 96 22.23 9.10 -16.02
CA GLY B 96 22.34 7.77 -15.49
C GLY B 96 22.12 7.78 -13.98
N ILE B 97 21.51 6.68 -13.49
CA ILE B 97 21.14 6.54 -12.08
C ILE B 97 21.90 5.36 -11.49
N VAL B 98 22.48 5.65 -10.32
CA VAL B 98 23.03 4.62 -9.44
C VAL B 98 22.16 4.54 -8.16
N PRO B 99 21.31 3.49 -8.07
CA PRO B 99 20.42 3.51 -6.92
C PRO B 99 21.06 2.98 -5.62
N GLN B 100 20.41 3.23 -4.50
CA GLN B 100 20.80 2.71 -3.21
C GLN B 100 20.78 1.18 -3.21
N ASP B 101 19.72 0.58 -3.80
CA ASP B 101 19.53 -0.90 -3.89
C ASP B 101 19.64 -1.45 -5.32
N THR B 102 20.78 -2.02 -5.67
CA THR B 102 20.94 -2.58 -6.99
C THR B 102 20.18 -3.89 -7.07
N ILE B 103 19.35 -4.00 -8.09
CA ILE B 103 18.59 -5.19 -8.41
C ILE B 103 19.50 -6.18 -9.14
N LEU B 104 19.70 -7.34 -8.56
CA LEU B 104 20.59 -8.33 -9.17
C LEU B 104 19.75 -9.43 -9.72
N PHE B 105 20.07 -9.87 -10.94
CA PHE B 105 19.32 -10.91 -11.60
C PHE B 105 19.91 -12.29 -11.37
N ASN B 106 19.04 -13.25 -11.10
CA ASN B 106 19.37 -14.68 -11.27
C ASN B 106 19.70 -14.99 -12.73
N GLU B 107 21.00 -14.98 -13.01
CA GLU B 107 21.54 -14.90 -14.36
C GLU B 107 23.04 -14.70 -14.27
N THR B 108 23.73 -14.69 -15.41
CA THR B 108 25.18 -14.49 -15.39
C THR B 108 25.55 -13.07 -14.96
N ILE B 109 26.80 -12.90 -14.53
CA ILE B 109 27.29 -11.59 -14.16
C ILE B 109 27.27 -10.69 -15.41
N LYS B 110 27.55 -11.30 -16.55
CA LYS B 110 27.56 -10.55 -17.78
C LYS B 110 26.16 -10.01 -18.06
N TYR B 111 25.16 -10.90 -17.99
CA TYR B 111 23.78 -10.52 -18.19
C TYR B 111 23.40 -9.36 -17.30
N ASN B 112 23.92 -9.38 -16.07
CA ASN B 112 23.71 -8.32 -15.05
C ASN B 112 24.30 -6.95 -15.40
N ILE B 113 25.42 -6.98 -16.12
CA ILE B 113 26.05 -5.75 -16.56
C ILE B 113 25.33 -5.17 -17.77
N LEU B 114 24.91 -6.08 -18.65
CA LEU B 114 24.28 -5.69 -19.90
C LEU B 114 22.88 -5.18 -19.68
N TYR B 115 22.28 -5.50 -18.55
CA TYR B 115 21.04 -4.85 -18.25
C TYR B 115 21.16 -3.30 -18.48
N GLY B 116 22.35 -2.71 -18.31
CA GLY B 116 22.49 -1.24 -18.44
C GLY B 116 22.39 -0.76 -19.89
N LYS B 117 22.65 -1.65 -20.83
CA LYS B 117 22.56 -1.36 -22.29
C LYS B 117 22.63 -2.68 -23.06
N LEU B 118 21.48 -3.24 -23.44
CA LEU B 118 21.45 -4.63 -23.94
C LEU B 118 22.30 -4.89 -25.22
N ASP B 119 22.46 -3.86 -26.06
CA ASP B 119 23.20 -3.97 -27.34
C ASP B 119 24.66 -3.44 -27.26
N ALA B 120 25.21 -3.40 -26.05
CA ALA B 120 26.61 -3.03 -25.79
C ALA B 120 27.55 -4.15 -26.24
N THR B 121 28.66 -3.75 -26.83
CA THR B 121 29.59 -4.71 -27.37
C THR B 121 30.45 -5.21 -26.21
N ASP B 122 31.12 -6.36 -26.38
CA ASP B 122 32.03 -6.88 -25.36
C ASP B 122 33.09 -5.85 -24.95
N GLU B 123 33.43 -4.99 -25.89
CA GLU B 123 34.47 -4.02 -25.70
C GLU B 123 33.94 -2.92 -24.75
N GLU B 124 32.70 -2.48 -24.98
CA GLU B 124 32.03 -1.50 -24.11
C GLU B 124 31.83 -2.08 -22.70
N VAL B 125 31.44 -3.37 -22.65
CA VAL B 125 31.35 -4.10 -21.41
C VAL B 125 32.69 -4.12 -20.66
N ILE B 126 33.80 -4.33 -21.35
CA ILE B 126 35.09 -4.48 -20.69
C ILE B 126 35.53 -3.13 -20.10
N LYS B 127 35.30 -2.08 -20.87
CA LYS B 127 35.64 -0.72 -20.49
C LYS B 127 34.88 -0.30 -19.22
N ALA B 128 33.56 -0.47 -19.24
CA ALA B 128 32.70 -0.02 -18.16
C ALA B 128 33.12 -0.68 -16.86
N THR B 129 33.40 -1.97 -17.01
CA THR B 129 33.80 -2.90 -15.97
C THR B 129 35.14 -2.50 -15.28
N LYS B 130 36.13 -2.05 -16.07
CA LYS B 130 37.36 -1.52 -15.53
C LYS B 130 37.11 -0.22 -14.83
N SER B 131 36.26 0.65 -15.37
CA SER B 131 35.96 1.88 -14.61
C SER B 131 35.30 1.55 -13.27
N ALA B 132 34.45 0.53 -13.25
CA ALA B 132 33.66 0.14 -12.07
C ALA B 132 34.44 -0.72 -11.05
N GLN B 133 35.71 -1.00 -11.37
CA GLN B 133 36.60 -1.79 -10.54
C GLN B 133 36.13 -3.24 -10.37
N LEU B 134 35.56 -3.78 -11.45
CA LEU B 134 35.02 -5.14 -11.45
C LEU B 134 35.78 -6.08 -12.37
N TYR B 135 36.61 -5.54 -13.24
CA TYR B 135 37.31 -6.38 -14.22
C TYR B 135 38.12 -7.49 -13.55
N ASP B 136 38.93 -7.11 -12.57
CA ASP B 136 39.77 -8.08 -11.90
C ASP B 136 39.00 -9.13 -11.10
N PHE B 137 38.03 -8.70 -10.28
CA PHE B 137 37.10 -9.61 -9.59
C PHE B 137 36.56 -10.66 -10.55
N ILE B 138 36.14 -10.22 -11.73
CA ILE B 138 35.47 -11.07 -12.73
C ILE B 138 36.48 -12.02 -13.38
N GLU B 139 37.63 -11.51 -13.77
CA GLU B 139 38.64 -12.34 -14.40
C GLU B 139 39.15 -13.46 -13.45
N ALA B 140 39.07 -13.20 -12.15
CA ALA B 140 39.55 -14.14 -11.15
C ALA B 140 38.45 -15.12 -10.72
N LEU B 141 37.43 -15.30 -11.56
CA LEU B 141 36.36 -16.24 -11.26
C LEU B 141 36.43 -17.44 -12.20
N PRO B 142 36.17 -18.66 -11.66
CA PRO B 142 36.21 -19.92 -12.43
C PRO B 142 35.51 -19.82 -13.79
N LYS B 143 34.21 -19.56 -13.78
CA LYS B 143 33.40 -19.42 -14.99
C LYS B 143 33.46 -17.99 -15.61
N LYS B 144 34.13 -17.06 -14.91
CA LYS B 144 34.37 -15.63 -15.30
C LYS B 144 33.12 -14.77 -15.49
N TRP B 145 32.86 -14.38 -16.74
CA TRP B 145 31.65 -13.63 -17.14
C TRP B 145 30.38 -14.47 -17.08
N ASP B 146 30.54 -15.79 -17.27
CA ASP B 146 29.44 -16.76 -17.19
C ASP B 146 29.08 -17.16 -15.75
N THR B 147 29.89 -16.74 -14.78
CA THR B 147 29.56 -16.94 -13.36
C THR B 147 28.12 -16.50 -13.12
N ILE B 148 27.32 -17.42 -12.59
CA ILE B 148 25.94 -17.13 -12.23
C ILE B 148 25.87 -16.56 -10.79
N VAL B 149 25.14 -15.46 -10.67
CA VAL B 149 24.91 -14.73 -9.43
C VAL B 149 23.37 -14.58 -9.40
N GLY B 150 22.68 -14.21 -8.30
CA GLY B 150 23.02 -14.49 -6.88
C GLY B 150 22.66 -15.96 -6.69
N ASN B 151 21.38 -16.29 -6.51
CA ASN B 151 20.51 -15.72 -5.48
C ASN B 151 20.25 -16.93 -4.58
N LYS B 152 20.03 -18.16 -5.10
CA LYS B 152 19.76 -18.63 -6.51
C LYS B 152 20.76 -18.28 -7.63
N MET B 154 26.01 -17.51 -6.87
CA MET B 154 27.11 -16.89 -6.14
C MET B 154 26.68 -15.56 -5.50
N LYS B 155 26.90 -15.39 -4.20
CA LYS B 155 26.56 -14.14 -3.50
C LYS B 155 27.53 -13.05 -3.95
N LEU B 156 27.13 -11.79 -3.80
CA LEU B 156 28.00 -10.66 -4.05
C LEU B 156 27.74 -9.66 -2.93
N SER B 157 28.78 -8.97 -2.48
CA SER B 157 28.61 -8.06 -1.36
C SER B 157 27.82 -6.84 -1.84
N GLY B 158 27.24 -6.09 -0.91
CA GLY B 158 26.57 -4.81 -1.23
C GLY B 158 27.47 -3.92 -2.09
N GLY B 159 28.73 -3.78 -1.66
CA GLY B 159 29.77 -3.08 -2.40
C GLY B 159 29.84 -3.43 -3.87
N GLU B 160 30.17 -4.69 -4.17
CA GLU B 160 30.18 -5.20 -5.54
C GLU B 160 28.88 -5.03 -6.31
N ARG B 161 27.75 -5.26 -5.66
CA ARG B 161 26.44 -5.04 -6.24
C ARG B 161 26.30 -3.55 -6.64
N GLN B 162 26.66 -2.60 -5.76
CA GLN B 162 26.61 -1.23 -6.24
C GLN B 162 27.65 -0.96 -7.37
N ARG B 163 28.83 -1.54 -7.32
CA ARG B 163 29.74 -1.33 -8.46
C ARG B 163 29.23 -1.97 -9.78
N ILE B 164 28.30 -2.90 -9.68
CA ILE B 164 27.57 -3.36 -10.86
C ILE B 164 26.67 -2.26 -11.36
N ALA B 165 25.91 -1.64 -10.47
CA ALA B 165 25.10 -0.46 -10.79
C ALA B 165 25.95 0.60 -11.50
N ILE B 166 27.15 0.83 -11.01
CA ILE B 166 28.06 1.77 -11.66
C ILE B 166 28.45 1.34 -13.06
N ALA B 167 28.91 0.08 -13.23
CA ALA B 167 29.17 -0.47 -14.56
C ALA B 167 27.93 -0.29 -15.44
N ARG B 168 26.75 -0.62 -14.93
CA ARG B 168 25.46 -0.37 -15.67
C ARG B 168 25.23 1.10 -16.07
N CYS B 169 25.38 2.01 -15.13
CA CYS B 169 25.20 3.44 -15.39
C CYS B 169 26.13 3.89 -16.52
N LEU B 170 27.40 3.47 -16.46
CA LEU B 170 28.44 3.91 -17.39
C LEU B 170 28.25 3.48 -18.85
N LEU B 171 27.66 2.31 -19.05
CA LEU B 171 27.43 1.73 -20.37
C LEU B 171 26.69 2.66 -21.34
N LYS B 172 25.68 3.39 -20.89
CA LYS B 172 25.00 4.37 -21.77
C LYS B 172 25.67 5.75 -21.79
N ASP B 173 26.92 5.80 -21.34
CA ASP B 173 27.72 7.02 -21.26
C ASP B 173 26.90 8.30 -20.91
N PRO B 174 26.36 8.38 -19.69
CA PRO B 174 25.52 9.51 -19.30
C PRO B 174 26.39 10.74 -18.96
N LYS B 175 25.94 11.94 -19.26
CA LYS B 175 26.72 13.13 -18.92
C LYS B 175 26.32 13.68 -17.58
N ILE B 176 25.15 13.25 -17.09
CA ILE B 176 24.72 13.52 -15.70
C ILE B 176 24.47 12.18 -15.02
N VAL B 177 25.01 12.03 -13.80
CA VAL B 177 24.81 10.89 -12.94
C VAL B 177 24.22 11.30 -11.56
N ILE B 178 23.03 10.76 -11.27
CA ILE B 178 22.39 10.78 -9.92
C ILE B 178 22.78 9.48 -9.15
N PHE B 179 23.50 9.71 -8.05
CA PHE B 179 24.13 8.67 -7.32
C PHE B 179 23.61 8.66 -5.88
N ASP B 180 22.90 7.59 -5.55
CA ASP B 180 22.46 7.36 -4.19
C ASP B 180 23.41 6.38 -3.44
N GLU B 181 24.13 6.92 -2.45
CA GLU B 181 25.01 6.09 -1.66
C GLU B 181 24.29 5.00 -0.83
N ALA B 182 24.78 3.78 -0.94
CA ALA B 182 24.26 2.65 -0.18
C ALA B 182 25.14 2.51 1.05
N THR B 183 24.64 1.87 2.10
CA THR B 183 25.45 1.70 3.31
C THR B 183 26.89 1.18 3.01
N SER B 184 27.89 1.68 3.75
CA SER B 184 29.32 1.37 3.51
C SER B 184 29.74 -0.10 3.73
N ASP B 187 34.28 -3.74 4.97
CA ASP B 187 35.51 -4.23 4.34
C ASP B 187 36.23 -3.09 3.67
N SER B 188 37.36 -2.67 4.25
CA SER B 188 38.14 -1.45 3.84
C SER B 188 38.59 -1.50 2.39
N LYS B 189 38.95 -2.70 1.91
CA LYS B 189 39.30 -2.90 0.54
C LYS B 189 38.15 -2.57 -0.37
N THR B 190 36.95 -3.08 -0.09
CA THR B 190 35.88 -2.80 -1.02
C THR B 190 35.40 -1.33 -0.91
N GLU B 191 35.66 -0.66 0.20
CA GLU B 191 35.37 0.81 0.33
C GLU B 191 36.36 1.63 -0.49
N TYR B 192 37.61 1.12 -0.59
CA TYR B 192 38.61 1.66 -1.50
C TYR B 192 38.28 1.53 -2.99
N LEU B 193 37.87 0.33 -3.42
CA LEU B 193 37.53 0.08 -4.82
C LEU B 193 36.34 0.93 -5.26
N PHE B 194 35.41 1.09 -4.35
CA PHE B 194 34.30 1.93 -4.56
C PHE B 194 34.75 3.40 -4.76
N GLN B 195 35.68 3.87 -3.94
CA GLN B 195 36.14 5.24 -4.09
C GLN B 195 36.88 5.46 -5.44
N LYS B 196 37.60 4.45 -5.88
CA LYS B 196 38.31 4.54 -7.14
C LYS B 196 37.33 4.58 -8.32
N ALA B 197 36.34 3.69 -8.34
CA ALA B 197 35.19 3.78 -9.28
C ALA B 197 34.50 5.17 -9.29
N VAL B 198 34.28 5.77 -8.12
CA VAL B 198 33.63 7.11 -8.09
C VAL B 198 34.54 8.17 -8.74
N GLU B 199 35.83 8.18 -8.43
CA GLU B 199 36.82 9.02 -9.08
C GLU B 199 36.87 8.84 -10.59
N ASP B 200 36.70 7.62 -11.08
CA ASP B 200 36.62 7.40 -12.50
C ASP B 200 35.30 7.88 -13.11
N LEU B 201 34.18 7.45 -12.50
CA LEU B 201 32.83 7.82 -12.87
C LEU B 201 32.62 9.36 -12.99
N ARG B 202 33.20 10.12 -12.07
CA ARG B 202 32.98 11.58 -11.97
C ARG B 202 33.84 12.36 -12.97
N LYS B 203 34.73 11.67 -13.66
CA LYS B 203 35.57 12.33 -14.67
C LYS B 203 34.73 12.71 -15.91
N ASN B 204 34.64 14.02 -16.15
CA ASN B 204 34.02 14.56 -17.33
C ASN B 204 32.50 14.41 -17.31
N ARG B 205 31.95 14.32 -16.10
CA ARG B 205 30.52 14.19 -15.93
C ARG B 205 30.06 15.09 -14.82
N THR B 206 28.76 15.39 -14.82
CA THR B 206 28.22 16.12 -13.71
C THR B 206 27.56 15.11 -12.80
N LEU B 207 28.05 15.05 -11.56
CA LEU B 207 27.62 14.06 -10.59
C LEU B 207 26.86 14.76 -9.45
N ILE B 208 25.61 14.33 -9.22
CA ILE B 208 24.88 14.63 -7.98
C ILE B 208 24.89 13.36 -7.09
N ILE B 209 25.65 13.41 -5.99
CA ILE B 209 25.67 12.35 -4.94
C ILE B 209 24.79 12.71 -3.75
N ILE B 210 23.76 11.93 -3.54
CA ILE B 210 23.02 11.91 -2.27
C ILE B 210 23.87 10.99 -1.35
N ALA B 211 24.48 11.56 -0.34
CA ALA B 211 25.66 10.92 0.26
C ALA B 211 25.56 10.87 1.76
N HIS B 212 26.25 9.90 2.36
CA HIS B 212 25.99 9.54 3.80
C HIS B 212 26.87 10.05 5.00
N ARG B 213 28.22 9.89 5.04
CA ARG B 213 29.19 9.47 3.98
C ARG B 213 30.16 10.60 3.56
N THR B 216 33.27 10.71 0.36
CA THR B 216 32.52 11.14 -0.78
C THR B 216 32.07 12.59 -0.61
N ILE B 217 31.58 12.93 0.57
CA ILE B 217 31.07 14.28 0.73
C ILE B 217 32.24 15.25 0.56
N SER B 218 33.31 15.02 1.33
CA SER B 218 34.37 16.01 1.52
C SER B 218 35.16 16.33 0.25
N SER B 219 35.23 15.39 -0.69
CA SER B 219 35.84 15.58 -2.01
C SER B 219 34.97 16.31 -3.07
N ALA B 220 33.68 16.53 -2.80
CA ALA B 220 32.79 17.16 -3.76
C ALA B 220 33.07 18.70 -3.90
N GLU B 221 32.94 19.19 -5.13
CA GLU B 221 33.31 20.55 -5.44
C GLU B 221 32.35 21.54 -4.81
N SER B 222 31.07 21.19 -4.72
CA SER B 222 30.11 21.85 -3.87
C SER B 222 29.32 20.79 -3.11
N ILE B 223 28.99 21.21 -1.89
CA ILE B 223 28.18 20.47 -0.95
C ILE B 223 26.96 21.35 -0.68
N ILE B 224 25.81 20.70 -0.74
CA ILE B 224 24.56 21.35 -0.47
C ILE B 224 23.93 20.76 0.80
N LEU B 225 23.83 21.57 1.87
CA LEU B 225 23.08 21.10 3.06
C LEU B 225 21.64 21.63 3.13
N LEU B 226 20.73 20.68 3.20
CA LEU B 226 19.31 20.92 3.20
C LEU B 226 18.74 20.66 4.61
N ASN B 227 17.65 21.33 4.96
CA ASN B 227 17.01 21.07 6.23
C ASN B 227 15.57 21.37 6.01
N LYS B 228 14.72 20.36 6.01
CA LYS B 228 13.29 20.62 5.90
C LYS B 228 12.92 21.44 4.67
N GLY B 229 13.51 21.08 3.53
CA GLY B 229 13.15 21.63 2.24
C GLY B 229 13.88 22.88 1.81
N LYS B 230 14.82 23.37 2.63
CA LYS B 230 15.57 24.60 2.36
C LYS B 230 17.06 24.32 2.35
N ILE B 231 17.79 24.95 1.45
CA ILE B 231 19.26 24.97 1.54
C ILE B 231 19.67 25.92 2.69
N VAL B 232 20.32 25.37 3.69
CA VAL B 232 20.76 26.17 4.84
C VAL B 232 22.21 26.67 4.71
N GLU B 233 23.03 25.85 4.07
CA GLU B 233 24.46 26.09 3.86
C GLU B 233 24.85 25.40 2.54
N LYS B 234 25.90 25.88 1.88
CA LYS B 234 26.28 25.45 0.55
C LYS B 234 27.69 25.96 0.35
N GLY B 235 28.58 25.08 -0.12
CA GLY B 235 29.96 25.44 -0.44
C GLY B 235 30.85 24.22 -0.52
N THR B 236 32.15 24.46 -0.49
CA THR B 236 33.15 23.43 -0.41
C THR B 236 33.30 22.96 1.02
N HIS B 237 34.01 21.84 1.17
CA HIS B 237 34.15 21.26 2.50
C HIS B 237 34.88 22.17 3.53
N LYS B 238 36.06 22.69 3.18
CA LYS B 238 36.81 23.72 3.95
C LYS B 238 35.93 24.91 4.32
N ASP B 239 35.28 25.53 3.36
CA ASP B 239 34.39 26.63 3.66
C ASP B 239 33.25 26.34 4.64
N LEU B 240 32.64 25.17 4.50
CA LEU B 240 31.51 24.78 5.36
C LEU B 240 31.91 24.48 6.84
N LEU B 241 33.09 23.89 7.04
CA LEU B 241 33.75 23.87 8.35
C LEU B 241 34.06 25.33 8.85
N LYS B 242 34.82 26.11 8.09
CA LYS B 242 35.17 27.47 8.56
C LYS B 242 33.93 28.23 9.06
N LEU B 243 32.80 28.05 8.38
CA LEU B 243 31.50 28.62 8.75
C LEU B 243 30.94 28.23 10.13
N ASN B 244 31.44 27.11 10.65
CA ASN B 244 31.08 26.61 11.97
C ASN B 244 29.57 26.55 12.26
N GLY B 245 28.83 25.92 11.35
CA GLY B 245 27.38 25.81 11.41
C GLY B 245 26.90 24.37 11.45
N GLU B 246 25.75 24.12 10.83
CA GLU B 246 25.12 22.78 10.84
C GLU B 246 26.03 21.70 10.23
N TYR B 247 26.63 22.01 9.10
CA TYR B 247 27.59 21.11 8.48
C TYR B 247 28.78 20.78 9.36
N ALA B 248 29.36 21.79 10.02
CA ALA B 248 30.56 21.57 10.83
C ALA B 248 30.16 20.65 11.97
N GLU B 249 29.00 20.93 12.55
CA GLU B 249 28.41 20.07 13.57
C GLU B 249 28.08 18.63 13.09
N MET B 250 27.40 18.47 11.95
CA MET B 250 27.23 17.14 11.36
C MET B 250 28.57 16.45 11.21
N TRP B 251 29.58 17.20 10.77
CA TRP B 251 30.91 16.63 10.49
C TRP B 251 31.66 16.13 11.73
N ASN B 252 31.66 16.94 12.79
CA ASN B 252 32.34 16.58 14.05
C ASN B 252 31.79 15.30 14.64
N MET B 253 30.48 15.17 14.62
CA MET B 253 29.90 13.93 15.05
C MET B 253 30.53 12.67 14.39
N GLN B 254 30.48 12.57 13.06
CA GLN B 254 30.88 11.32 12.38
C GLN B 254 32.36 10.95 12.48
N LEU C 2 -4.76 51.08 12.31
CA LEU C 2 -3.79 50.00 11.95
C LEU C 2 -2.91 50.40 10.78
N GLU C 3 -1.65 49.93 10.81
CA GLU C 3 -0.69 50.23 9.76
C GLU C 3 -1.19 49.86 8.36
N SER C 4 -0.69 50.56 7.35
CA SER C 4 -1.02 50.26 5.95
C SER C 4 0.00 49.34 5.32
N PHE C 5 -0.50 48.28 4.69
CA PHE C 5 0.37 47.42 3.87
C PHE C 5 1.14 48.24 2.84
N SER C 6 2.44 47.99 2.68
CA SER C 6 3.16 48.58 1.53
C SER C 6 4.13 47.60 0.92
N LEU C 7 4.39 47.79 -0.37
CA LEU C 7 5.14 46.81 -1.17
C LEU C 7 6.61 47.18 -1.28
N THR C 8 7.48 46.18 -1.36
CA THR C 8 8.87 46.42 -1.70
C THR C 8 8.89 46.82 -3.17
N SER C 9 10.00 47.39 -3.64
CA SER C 9 10.13 47.72 -5.07
C SER C 9 10.04 46.47 -5.98
N HIS C 10 10.61 45.34 -5.56
CA HIS C 10 10.43 44.09 -6.31
C HIS C 10 8.93 43.72 -6.44
N GLU C 11 8.21 43.67 -5.32
CA GLU C 11 6.75 43.46 -5.31
C GLU C 11 5.93 44.36 -6.23
N LYS C 12 6.18 45.67 -6.17
CA LYS C 12 5.56 46.66 -7.02
C LYS C 12 5.78 46.36 -8.50
N LYS C 13 7.00 45.99 -8.86
CA LYS C 13 7.32 45.61 -10.23
C LYS C 13 6.68 44.28 -10.62
N PHE C 14 6.67 43.33 -9.70
CA PHE C 14 6.44 41.91 -10.08
C PHE C 14 5.30 41.11 -9.45
N GLY C 15 4.76 41.59 -8.33
CA GLY C 15 3.76 40.82 -7.58
C GLY C 15 4.24 40.38 -6.22
N VAL C 16 3.31 39.80 -5.44
CA VAL C 16 3.56 39.27 -4.08
C VAL C 16 3.28 37.77 -3.91
N ASN C 17 3.99 37.18 -2.94
CA ASN C 17 3.72 35.87 -2.35
C ASN C 17 2.36 35.92 -1.67
N ILE C 18 1.75 34.76 -1.60
CA ILE C 18 0.53 34.58 -0.85
C ILE C 18 0.64 33.22 -0.20
N GLU C 19 0.44 33.19 1.12
CA GLU C 19 0.42 31.93 1.81
C GLU C 19 -0.80 31.75 2.72
N PHE C 20 -1.44 30.57 2.62
CA PHE C 20 -2.46 30.15 3.59
C PHE C 20 -1.83 29.12 4.48
N SER C 21 -1.93 29.32 5.79
CA SER C 21 -1.43 28.36 6.79
C SER C 21 -2.56 27.85 7.63
N ASP C 22 -2.85 26.55 7.55
CA ASP C 22 -3.88 25.97 8.40
C ASP C 22 -5.16 26.81 8.55
N VAL C 23 -5.56 27.45 7.43
CA VAL C 23 -6.77 28.24 7.37
C VAL C 23 -7.97 27.29 7.34
N ASN C 24 -8.91 27.62 8.22
CA ASN C 24 -10.19 26.91 8.37
C ASN C 24 -11.24 27.96 8.34
N PHE C 25 -12.36 27.65 7.68
CA PHE C 25 -13.42 28.67 7.65
C PHE C 25 -14.85 28.12 7.54
N SER C 26 -15.77 28.75 8.30
CA SER C 26 -17.21 28.46 8.27
C SER C 26 -17.94 29.76 8.11
N TYR C 27 -18.92 29.81 7.21
CA TYR C 27 -19.76 31.02 7.14
C TYR C 27 -20.63 31.10 8.40
N PRO C 28 -20.99 32.34 8.84
CA PRO C 28 -22.01 32.45 9.92
C PRO C 28 -23.24 31.50 9.75
N LYS C 29 -23.84 31.41 8.56
CA LYS C 29 -24.98 30.48 8.30
C LYS C 29 -24.71 29.04 8.60
N GLN C 30 -23.43 28.65 8.65
CA GLN C 30 -23.13 27.24 8.86
C GLN C 30 -23.10 26.88 10.35
N THR C 31 -23.78 25.78 10.69
CA THR C 31 -23.85 25.31 12.06
C THR C 31 -22.84 24.20 12.39
N ASN C 32 -22.81 23.17 11.53
CA ASN C 32 -22.15 21.91 11.89
C ASN C 32 -20.90 21.55 11.03
N HIS C 33 -20.56 22.44 10.07
CA HIS C 33 -19.54 22.21 9.04
C HIS C 33 -18.66 23.44 8.70
N ARG C 34 -17.44 23.18 8.20
CA ARG C 34 -16.62 24.20 7.52
C ARG C 34 -16.83 24.19 6.00
N THR C 35 -16.49 25.34 5.41
CA THR C 35 -16.40 25.54 3.97
C THR C 35 -14.94 25.26 3.57
N LEU C 36 -13.99 25.70 4.39
CA LEU C 36 -12.58 25.49 4.11
C LEU C 36 -11.89 24.77 5.27
N LYS C 37 -11.10 23.76 4.94
CA LYS C 37 -10.59 22.77 5.88
C LYS C 37 -9.12 22.59 5.72
N SER C 38 -8.39 23.11 6.70
CA SER C 38 -6.94 23.01 6.83
C SER C 38 -6.21 23.34 5.57
N ILE C 39 -6.49 24.54 5.09
CA ILE C 39 -5.98 25.00 3.81
C ILE C 39 -4.53 25.41 3.91
N ASN C 40 -3.65 24.59 3.30
CA ASN C 40 -2.23 24.99 3.18
C ASN C 40 -1.76 25.12 1.74
N PHE C 41 -1.34 26.32 1.36
CA PHE C 41 -0.69 26.56 0.08
C PHE C 41 0.20 27.80 0.12
N PHE C 42 1.16 27.83 -0.80
CA PHE C 42 2.03 28.95 -1.05
C PHE C 42 2.02 29.28 -2.57
N ILE C 43 1.68 30.52 -2.91
CA ILE C 43 1.74 30.92 -4.29
C ILE C 43 2.90 31.91 -4.38
N PRO C 44 3.94 31.54 -5.19
CA PRO C 44 5.11 32.43 -5.42
C PRO C 44 4.79 33.64 -6.25
N SER C 45 5.41 34.78 -5.90
CA SER C 45 5.07 36.06 -6.53
C SER C 45 5.18 35.99 -8.05
N GLY C 46 4.29 36.71 -8.74
CA GLY C 46 4.31 36.80 -10.18
C GLY C 46 3.86 35.52 -10.90
N THR C 47 3.36 34.53 -10.16
CA THR C 47 2.90 33.36 -10.84
C THR C 47 1.40 33.37 -10.99
N THR C 48 0.95 32.33 -11.64
CA THR C 48 -0.43 32.11 -11.90
C THR C 48 -0.82 30.82 -11.12
N CYS C 49 -1.81 30.97 -10.24
CA CYS C 49 -2.40 29.87 -9.51
C CYS C 49 -3.88 29.66 -9.90
N ALA C 50 -4.21 28.45 -10.37
CA ALA C 50 -5.59 28.07 -10.69
C ALA C 50 -6.25 27.39 -9.52
N LEU C 51 -7.46 27.81 -9.16
CA LEU C 51 -8.24 27.19 -8.12
C LEU C 51 -9.31 26.43 -8.84
N VAL C 52 -9.27 25.10 -8.79
CA VAL C 52 -10.29 24.30 -9.45
C VAL C 52 -11.10 23.44 -8.44
N GLY C 53 -12.32 23.04 -8.80
CA GLY C 53 -13.18 22.23 -7.93
C GLY C 53 -14.64 22.36 -8.33
N HIS C 54 -15.45 21.38 -7.97
CA HIS C 54 -16.87 21.52 -8.21
C HIS C 54 -17.45 22.68 -7.42
N THR C 55 -18.67 23.07 -7.83
CA THR C 55 -19.45 24.14 -7.20
C THR C 55 -19.61 23.65 -5.79
N GLY C 56 -19.46 24.55 -4.84
CA GLY C 56 -19.57 24.17 -3.46
C GLY C 56 -18.26 23.80 -2.81
N SER C 57 -17.14 23.97 -3.51
CA SER C 57 -15.90 23.38 -2.99
C SER C 57 -14.99 24.29 -2.22
N GLY C 58 -15.34 25.59 -2.14
CA GLY C 58 -14.58 26.51 -1.37
C GLY C 58 -13.74 27.50 -2.17
N LYS C 59 -13.81 27.50 -3.50
CA LYS C 59 -12.89 28.27 -4.34
C LYS C 59 -13.13 29.79 -4.15
N SER C 60 -14.38 30.22 -4.17
CA SER C 60 -14.64 31.67 -4.02
C SER C 60 -14.50 32.09 -2.55
N THR C 61 -14.53 31.15 -1.62
CA THR C 61 -14.27 31.48 -0.22
C THR C 61 -12.81 31.87 0.03
N ILE C 62 -11.88 31.18 -0.65
CA ILE C 62 -10.46 31.60 -0.64
C ILE C 62 -10.22 33.06 -1.06
N ALA C 63 -10.86 33.42 -2.18
CA ALA C 63 -10.89 34.80 -2.69
C ALA C 63 -11.51 35.82 -1.72
N LYS C 64 -12.68 35.51 -1.14
CA LYS C 64 -13.29 36.40 -0.13
C LYS C 64 -12.42 36.55 1.13
N LEU C 65 -11.76 35.47 1.54
CA LEU C 65 -10.88 35.59 2.68
C LEU C 65 -9.66 36.42 2.34
N LEU C 66 -9.14 36.26 1.12
CA LEU C 66 -7.99 37.02 0.67
C LEU C 66 -8.35 38.51 0.62
N TYR C 67 -9.57 38.80 0.18
CA TYR C 67 -10.07 40.18 0.10
C TYR C 67 -10.53 40.75 1.43
N ARG C 68 -10.28 40.00 2.51
CA ARG C 68 -10.56 40.43 3.88
C ARG C 68 -12.06 40.63 4.17
N PHE C 69 -12.93 39.89 3.47
CA PHE C 69 -14.38 39.98 3.81
C PHE C 69 -14.66 39.37 5.15
N TYR C 70 -13.80 38.42 5.55
CA TYR C 70 -13.95 37.65 6.77
C TYR C 70 -12.58 37.31 7.33
N ASP C 71 -12.53 36.88 8.58
CA ASP C 71 -11.31 36.36 9.10
C ASP C 71 -11.43 34.85 9.17
N ALA C 72 -10.31 34.17 9.09
CA ALA C 72 -10.35 32.73 9.12
C ALA C 72 -9.61 32.27 10.38
N GLU C 73 -9.87 31.07 10.89
CA GLU C 73 -8.89 30.46 11.79
C GLU C 73 -7.64 30.19 10.96
N GLY C 74 -6.46 30.33 11.55
CA GLY C 74 -5.22 30.08 10.81
C GLY C 74 -4.74 31.40 10.27
N ASP C 75 -3.68 31.38 9.45
CA ASP C 75 -3.03 32.63 8.92
C ASP C 75 -2.96 32.78 7.39
N ILE C 76 -3.23 34.00 6.95
CA ILE C 76 -3.03 34.43 5.56
C ILE C 76 -1.95 35.49 5.59
N LYS C 77 -0.87 35.19 4.84
CA LYS C 77 0.27 36.08 4.63
C LYS C 77 0.40 36.45 3.16
N ILE C 78 0.66 37.74 2.96
CA ILE C 78 1.03 38.31 1.69
C ILE C 78 2.42 38.92 1.78
N GLY C 79 3.31 38.41 0.93
CA GLY C 79 4.71 38.75 0.87
C GLY C 79 5.38 38.44 2.20
N GLY C 80 5.10 37.24 2.76
CA GLY C 80 5.57 36.80 4.07
C GLY C 80 5.01 37.55 5.29
N LYS C 81 4.03 38.44 5.08
CA LYS C 81 3.47 39.29 6.14
C LYS C 81 2.03 38.91 6.43
N ASN C 82 1.72 38.74 7.72
CA ASN C 82 0.35 38.48 8.15
C ASN C 82 -0.56 39.66 7.87
N VAL C 83 -1.66 39.40 7.19
CA VAL C 83 -2.62 40.45 6.84
C VAL C 83 -3.32 41.04 8.10
N ASN C 84 -3.23 40.33 9.22
CA ASN C 84 -3.79 40.89 10.48
C ASN C 84 -3.01 42.11 11.07
N LYS C 85 -1.78 42.33 10.58
CA LYS C 85 -0.93 43.43 11.03
C LYS C 85 -1.39 44.77 10.38
N TYR C 86 -2.37 44.70 9.45
CA TYR C 86 -2.73 45.82 8.54
C TYR C 86 -4.20 46.16 8.53
N ASN C 87 -4.56 47.41 8.20
CA ASN C 87 -5.94 47.70 7.88
C ASN C 87 -6.38 46.97 6.59
N ARG C 88 -7.65 46.58 6.54
CA ARG C 88 -8.26 45.85 5.43
C ARG C 88 -8.27 46.64 4.14
N ASN C 89 -8.54 47.94 4.21
CA ASN C 89 -8.56 48.75 2.98
C ASN C 89 -7.26 48.83 2.19
N SER C 90 -6.15 48.82 2.91
CA SER C 90 -4.84 48.74 2.31
C SER C 90 -4.47 47.33 1.78
N ILE C 91 -5.16 46.27 2.19
CA ILE C 91 -4.94 44.97 1.52
C ILE C 91 -5.81 44.95 0.26
N ARG C 92 -7.07 45.38 0.39
CA ARG C 92 -7.96 45.45 -0.78
C ARG C 92 -7.36 46.24 -1.91
N SER C 93 -6.57 47.27 -1.61
CA SER C 93 -6.14 48.16 -2.71
C SER C 93 -5.04 47.56 -3.60
N ILE C 94 -4.35 46.55 -3.12
CA ILE C 94 -3.39 45.81 -3.96
C ILE C 94 -4.02 44.57 -4.64
N ILE C 95 -5.30 44.33 -4.35
CA ILE C 95 -6.03 43.22 -4.97
C ILE C 95 -7.12 43.66 -5.94
N GLY C 96 -7.13 43.07 -7.13
CA GLY C 96 -8.16 43.30 -8.11
C GLY C 96 -8.95 42.03 -8.34
N ILE C 97 -10.28 42.16 -8.34
CA ILE C 97 -11.22 41.03 -8.64
C ILE C 97 -11.87 41.25 -10.02
N VAL C 98 -11.79 40.23 -10.85
CA VAL C 98 -12.53 40.15 -12.07
C VAL C 98 -13.63 39.09 -11.84
N PRO C 99 -14.88 39.57 -11.54
CA PRO C 99 -15.95 38.67 -11.17
C PRO C 99 -16.52 37.84 -12.33
N GLN C 100 -17.34 36.85 -11.99
CA GLN C 100 -17.97 35.94 -12.99
C GLN C 100 -18.98 36.74 -13.83
N ASP C 101 -19.82 37.56 -13.18
CA ASP C 101 -20.82 38.45 -13.80
C ASP C 101 -20.50 39.94 -13.43
N THR C 102 -20.05 40.73 -14.41
CA THR C 102 -19.75 42.16 -14.25
C THR C 102 -21.04 42.97 -14.29
N ILE C 103 -21.26 43.82 -13.31
CA ILE C 103 -22.41 44.78 -13.36
C ILE C 103 -22.02 45.84 -14.37
N LEU C 104 -22.88 46.14 -15.31
CA LEU C 104 -22.75 47.32 -16.12
C LEU C 104 -23.67 48.38 -15.55
N PHE C 105 -23.11 49.54 -15.22
CA PHE C 105 -23.89 50.62 -14.66
C PHE C 105 -24.67 51.35 -15.73
N ASN C 106 -25.86 51.84 -15.37
CA ASN C 106 -26.66 52.68 -16.23
C ASN C 106 -25.90 53.97 -16.38
N GLU C 107 -25.14 54.06 -17.47
CA GLU C 107 -24.14 55.12 -17.74
C GLU C 107 -23.49 54.97 -19.11
N THR C 108 -22.50 55.81 -19.41
CA THR C 108 -21.75 55.72 -20.67
C THR C 108 -20.82 54.53 -20.56
N ILE C 109 -20.32 54.02 -21.67
CA ILE C 109 -19.33 52.96 -21.53
C ILE C 109 -18.00 53.42 -20.92
N LYS C 110 -17.55 54.62 -21.29
CA LYS C 110 -16.36 55.22 -20.66
C LYS C 110 -16.56 55.27 -19.14
N TYR C 111 -17.77 55.67 -18.72
CA TYR C 111 -18.09 55.70 -17.28
C TYR C 111 -17.84 54.31 -16.67
N ASN C 112 -18.38 53.27 -17.32
CA ASN C 112 -18.15 51.89 -16.90
C ASN C 112 -16.70 51.48 -16.72
N ILE C 113 -15.79 51.91 -17.59
CA ILE C 113 -14.37 51.62 -17.44
C ILE C 113 -13.72 52.47 -16.32
N LEU C 114 -14.07 53.74 -16.27
CA LEU C 114 -13.62 54.67 -15.23
C LEU C 114 -14.00 54.24 -13.83
N TYR C 115 -15.10 53.49 -13.65
CA TYR C 115 -15.39 52.89 -12.34
C TYR C 115 -14.16 52.18 -11.74
N GLY C 116 -13.19 51.75 -12.57
CA GLY C 116 -11.95 51.07 -12.12
C GLY C 116 -10.93 51.94 -11.38
N LYS C 117 -10.89 53.22 -11.75
CA LYS C 117 -10.12 54.29 -11.10
C LYS C 117 -10.66 55.59 -11.69
N LEU C 118 -11.47 56.30 -10.91
CA LEU C 118 -12.23 57.44 -11.41
C LEU C 118 -11.41 58.63 -11.94
N ASP C 119 -10.19 58.78 -11.40
CA ASP C 119 -9.25 59.83 -11.77
C ASP C 119 -8.17 59.32 -12.77
N ALA C 120 -8.52 58.34 -13.60
CA ALA C 120 -7.59 57.88 -14.65
C ALA C 120 -7.53 58.89 -15.80
N THR C 121 -6.33 59.13 -16.34
CA THR C 121 -6.14 60.11 -17.39
C THR C 121 -6.89 59.78 -18.69
N GLU C 123 -6.16 58.69 -21.48
CA GLU C 123 -4.95 57.98 -21.95
C GLU C 123 -4.52 56.75 -21.14
N GLU C 124 -4.65 56.83 -19.80
CA GLU C 124 -4.58 55.61 -18.98
C GLU C 124 -5.73 54.66 -19.42
N VAL C 125 -6.89 55.25 -19.69
CA VAL C 125 -8.04 54.58 -20.25
C VAL C 125 -7.77 53.82 -21.55
N ILE C 126 -7.19 54.52 -22.54
CA ILE C 126 -6.94 53.93 -23.85
C ILE C 126 -5.96 52.74 -23.77
N LYS C 127 -5.00 52.86 -22.86
CA LYS C 127 -4.07 51.78 -22.53
C LYS C 127 -4.83 50.56 -21.95
N ALA C 128 -5.59 50.80 -20.87
CA ALA C 128 -6.43 49.76 -20.25
C ALA C 128 -7.39 49.08 -21.26
N THR C 129 -8.13 49.90 -22.03
CA THR C 129 -9.07 49.39 -23.03
C THR C 129 -8.39 48.67 -24.20
N LYS C 130 -7.21 49.15 -24.63
CA LYS C 130 -6.43 48.43 -25.63
C LYS C 130 -5.95 47.05 -25.16
N SER C 131 -5.39 46.98 -23.94
CA SER C 131 -4.97 45.72 -23.34
C SER C 131 -6.11 44.76 -23.11
N ALA C 132 -7.27 45.32 -22.81
CA ALA C 132 -8.46 44.58 -22.53
C ALA C 132 -9.14 44.12 -23.82
N GLN C 133 -8.56 44.44 -24.98
CA GLN C 133 -9.17 44.15 -26.29
C GLN C 133 -10.55 44.74 -26.47
N LEU C 134 -10.76 45.97 -26.00
CA LEU C 134 -12.05 46.57 -26.13
C LEU C 134 -11.98 47.89 -26.84
N TYR C 135 -10.78 48.26 -27.28
CA TYR C 135 -10.57 49.51 -27.99
C TYR C 135 -11.33 49.54 -29.34
N ASP C 136 -11.18 48.48 -30.14
CA ASP C 136 -11.83 48.48 -31.47
C ASP C 136 -13.33 48.40 -31.38
N PHE C 137 -13.78 47.49 -30.52
CA PHE C 137 -15.18 47.41 -30.15
C PHE C 137 -15.69 48.80 -29.76
N ILE C 138 -14.98 49.53 -28.92
CA ILE C 138 -15.49 50.86 -28.53
C ILE C 138 -15.55 51.88 -29.69
N GLU C 139 -14.63 51.79 -30.64
CA GLU C 139 -14.62 52.71 -31.78
C GLU C 139 -15.79 52.53 -32.75
N ALA C 140 -16.30 51.28 -32.90
CA ALA C 140 -17.49 51.01 -33.73
C ALA C 140 -18.85 51.28 -33.09
N LEU C 141 -18.91 51.66 -31.82
CA LEU C 141 -20.20 51.92 -31.15
C LEU C 141 -20.81 53.21 -31.69
N PRO C 142 -22.16 53.37 -31.68
CA PRO C 142 -22.79 54.57 -32.28
C PRO C 142 -22.33 55.93 -31.71
N LYS C 143 -21.89 55.99 -30.46
CA LYS C 143 -21.38 57.26 -29.88
C LYS C 143 -20.03 57.08 -29.20
N LYS C 144 -19.26 56.08 -29.66
CA LYS C 144 -17.96 55.73 -29.06
C LYS C 144 -17.92 55.74 -27.50
N TRP C 145 -17.02 56.52 -26.90
CA TRP C 145 -16.86 56.52 -25.44
C TRP C 145 -18.09 57.02 -24.75
N ASP C 146 -18.91 57.78 -25.48
CA ASP C 146 -20.17 58.25 -24.89
C ASP C 146 -21.45 57.45 -25.17
N THR C 147 -21.32 56.23 -25.71
CA THR C 147 -22.47 55.33 -25.84
C THR C 147 -23.00 54.95 -24.44
N ILE C 148 -24.33 55.13 -24.24
CA ILE C 148 -25.03 54.75 -23.02
C ILE C 148 -25.20 53.22 -23.07
N VAL C 149 -24.82 52.52 -22.01
CA VAL C 149 -25.03 51.10 -21.99
C VAL C 149 -25.96 50.60 -20.89
N GLY C 150 -25.86 51.14 -19.69
CA GLY C 150 -26.59 50.48 -18.58
C GLY C 150 -27.37 49.19 -18.92
N GLY C 153 -30.22 52.11 -22.27
CA GLY C 153 -29.16 51.90 -23.30
C GLY C 153 -28.83 50.52 -23.90
N MET C 154 -27.77 50.47 -24.70
CA MET C 154 -27.31 49.22 -25.33
C MET C 154 -26.77 48.16 -24.34
N LYS C 155 -27.01 46.88 -24.63
CA LYS C 155 -26.24 45.79 -24.02
C LYS C 155 -25.72 45.03 -25.23
N LEU C 156 -24.55 44.39 -25.22
CA LEU C 156 -23.50 44.34 -24.19
C LEU C 156 -23.46 43.05 -23.38
N GLY C 159 -19.14 38.82 -24.02
CA GLY C 159 -17.69 38.77 -23.83
C GLY C 159 -17.16 40.12 -23.37
N GLU C 160 -17.92 41.18 -23.66
CA GLU C 160 -17.53 42.53 -23.40
C GLU C 160 -17.62 42.88 -21.94
N ARG C 161 -18.58 42.28 -21.25
CA ARG C 161 -18.69 42.49 -19.81
C ARG C 161 -17.41 42.14 -19.06
N GLN C 162 -16.83 40.98 -19.35
CA GLN C 162 -15.68 40.57 -18.58
C GLN C 162 -14.42 41.33 -19.00
N ARG C 163 -14.36 41.74 -20.25
CA ARG C 163 -13.25 42.53 -20.68
C ARG C 163 -13.28 43.96 -20.03
N ILE C 164 -14.46 44.48 -19.69
CA ILE C 164 -14.64 45.77 -19.00
C ILE C 164 -14.12 45.59 -17.56
N ALA C 165 -14.31 44.38 -17.00
CA ALA C 165 -13.94 44.11 -15.62
C ALA C 165 -12.44 44.08 -15.59
N ILE C 166 -11.86 43.55 -16.65
CA ILE C 166 -10.44 43.52 -16.83
C ILE C 166 -9.79 44.91 -17.06
N ALA C 167 -10.40 45.74 -17.89
CA ALA C 167 -9.98 47.15 -18.07
C ALA C 167 -9.98 47.90 -16.75
N ARG C 168 -11.07 47.81 -15.97
CA ARG C 168 -11.18 48.45 -14.66
C ARG C 168 -10.06 47.94 -13.76
N CYS C 169 -9.85 46.63 -13.80
CA CYS C 169 -8.82 45.98 -13.02
C CYS C 169 -7.42 46.46 -13.40
N LEU C 170 -7.11 46.60 -14.68
CA LEU C 170 -5.84 47.15 -15.11
C LEU C 170 -5.72 48.59 -14.59
N LEU C 171 -6.82 49.34 -14.60
CA LEU C 171 -6.76 50.74 -14.18
C LEU C 171 -6.41 50.91 -12.68
N LYS C 172 -6.94 50.03 -11.86
CA LYS C 172 -6.67 49.94 -10.42
C LYS C 172 -5.18 49.62 -10.14
N ASP C 173 -4.64 48.75 -11.00
CA ASP C 173 -3.25 48.33 -11.00
C ASP C 173 -2.87 47.45 -9.79
N PRO C 174 -3.66 46.41 -9.53
CA PRO C 174 -3.41 45.60 -8.31
C PRO C 174 -2.11 44.76 -8.50
N LYS C 175 -1.53 44.21 -7.43
CA LYS C 175 -0.39 43.30 -7.56
C LYS C 175 -0.80 41.85 -7.45
N ILE C 176 -2.08 41.64 -7.08
CA ILE C 176 -2.76 40.34 -7.11
C ILE C 176 -4.09 40.57 -7.82
N VAL C 177 -4.41 39.67 -8.73
CA VAL C 177 -5.66 39.67 -9.45
C VAL C 177 -6.29 38.31 -9.15
N ILE C 178 -7.54 38.36 -8.67
CA ILE C 178 -8.41 37.18 -8.52
C ILE C 178 -9.42 37.22 -9.68
N PHE C 179 -9.32 36.19 -10.53
CA PHE C 179 -10.01 36.20 -11.80
C PHE C 179 -11.01 35.03 -11.84
N ASP C 180 -12.27 35.39 -11.85
CA ASP C 180 -13.30 34.40 -11.93
C ASP C 180 -13.75 34.25 -13.40
N GLU C 181 -13.09 33.30 -14.09
CA GLU C 181 -13.16 33.17 -15.52
C GLU C 181 -14.53 32.73 -15.95
N ALA C 182 -14.94 33.21 -17.13
CA ALA C 182 -16.30 33.06 -17.59
C ALA C 182 -16.23 32.79 -19.08
N THR C 183 -15.40 31.82 -19.45
CA THR C 183 -15.20 31.47 -20.83
C THR C 183 -16.08 30.37 -21.41
N SER C 184 -16.94 29.74 -20.60
CA SER C 184 -17.75 28.62 -21.14
C SER C 184 -18.74 29.01 -22.24
N SER C 185 -19.19 30.27 -22.18
CA SER C 185 -20.25 30.76 -23.05
C SER C 185 -19.67 31.69 -24.09
N LEU C 186 -18.36 31.52 -24.35
CA LEU C 186 -17.65 32.31 -25.38
C LEU C 186 -17.44 31.47 -26.65
N ASP C 187 -17.40 32.12 -27.81
CA ASP C 187 -17.04 31.46 -29.10
C ASP C 187 -15.52 31.47 -29.23
N SER C 188 -14.97 30.87 -30.29
CA SER C 188 -13.53 30.73 -30.37
C SER C 188 -12.78 32.05 -30.61
N LYS C 189 -13.36 32.97 -31.38
CA LYS C 189 -12.65 34.21 -31.61
C LYS C 189 -12.70 35.08 -30.36
N THR C 190 -13.85 35.13 -29.69
CA THR C 190 -14.01 35.94 -28.49
C THR C 190 -13.09 35.38 -27.35
N GLU C 191 -12.94 34.06 -27.31
CA GLU C 191 -12.03 33.37 -26.41
C GLU C 191 -10.56 33.75 -26.69
N TYR C 192 -10.13 33.71 -27.95
CA TYR C 192 -8.80 34.27 -28.28
C TYR C 192 -8.62 35.66 -27.69
N LEU C 193 -9.64 36.52 -27.70
CA LEU C 193 -9.47 37.91 -27.23
C LEU C 193 -9.32 37.91 -25.74
N PHE C 194 -10.06 37.00 -25.09
CA PHE C 194 -10.03 36.94 -23.65
C PHE C 194 -8.62 36.51 -23.25
N GLN C 195 -8.03 35.60 -24.03
CA GLN C 195 -6.69 35.10 -23.75
C GLN C 195 -5.56 36.08 -24.00
N LYS C 196 -5.76 37.06 -24.88
CA LYS C 196 -4.81 38.14 -25.07
C LYS C 196 -4.97 39.27 -24.04
N ALA C 197 -6.21 39.59 -23.67
CA ALA C 197 -6.53 40.40 -22.48
C ALA C 197 -5.95 39.88 -21.15
N VAL C 198 -5.96 38.56 -20.99
CA VAL C 198 -5.46 37.86 -19.80
C VAL C 198 -3.93 37.75 -19.72
N GLU C 199 -3.26 37.59 -20.86
CA GLU C 199 -1.79 37.59 -20.91
C GLU C 199 -1.22 38.97 -20.59
N ASP C 200 -2.00 39.99 -20.94
CA ASP C 200 -1.71 41.39 -20.59
C ASP C 200 -2.07 41.82 -19.17
N LEU C 201 -2.90 41.01 -18.50
CA LEU C 201 -3.28 41.34 -17.14
C LEU C 201 -2.32 40.58 -16.25
N ARG C 202 -1.90 39.43 -16.74
CA ARG C 202 -1.02 38.52 -16.02
C ARG C 202 0.32 39.19 -15.68
N LYS C 203 0.75 40.08 -16.58
CA LYS C 203 2.05 40.77 -16.48
C LYS C 203 2.28 41.58 -15.21
N ASN C 204 3.36 41.29 -14.48
CA ASN C 204 3.78 42.09 -13.30
C ASN C 204 2.82 42.01 -12.11
N ARG C 205 2.20 40.84 -11.95
CA ARG C 205 1.15 40.59 -10.95
C ARG C 205 1.19 39.14 -10.64
N THR C 206 0.69 38.80 -9.45
CA THR C 206 0.28 37.43 -9.08
C THR C 206 -1.19 37.27 -9.49
N LEU C 207 -1.48 36.21 -10.23
CA LEU C 207 -2.81 35.93 -10.75
C LEU C 207 -3.38 34.64 -10.17
N ILE C 208 -4.51 34.76 -9.49
CA ILE C 208 -5.34 33.58 -9.13
C ILE C 208 -6.58 33.47 -10.01
N ILE C 209 -6.73 32.31 -10.67
CA ILE C 209 -7.87 32.05 -11.53
C ILE C 209 -8.71 30.99 -10.88
N ILE C 210 -9.94 31.36 -10.56
CA ILE C 210 -10.96 30.46 -10.10
C ILE C 210 -11.52 29.91 -11.39
N ALA C 211 -11.26 28.64 -11.64
CA ALA C 211 -11.52 28.17 -12.97
C ALA C 211 -12.67 27.24 -12.90
N HIS C 212 -13.49 27.35 -13.94
CA HIS C 212 -14.63 26.49 -14.15
C HIS C 212 -14.31 25.58 -15.35
N ARG C 213 -13.88 26.10 -16.51
CA ARG C 213 -13.38 25.26 -17.63
C ARG C 213 -11.91 25.04 -17.42
N LEU C 214 -11.52 23.81 -17.14
CA LEU C 214 -10.11 23.41 -16.90
C LEU C 214 -9.12 23.71 -18.02
N SER C 215 -9.60 23.89 -19.25
CA SER C 215 -8.74 24.20 -20.37
C SER C 215 -8.29 25.67 -20.32
N THR C 216 -9.03 26.50 -19.63
CA THR C 216 -8.55 27.88 -19.43
C THR C 216 -7.28 27.92 -18.60
N ILE C 217 -6.95 26.79 -17.96
CA ILE C 217 -6.03 26.78 -16.83
C ILE C 217 -4.85 25.82 -16.97
N SER C 218 -4.83 25.09 -18.07
CA SER C 218 -3.86 24.03 -18.26
C SER C 218 -2.40 24.54 -18.25
N SER C 219 -2.22 25.85 -18.46
CA SER C 219 -0.89 26.42 -18.52
C SER C 219 -0.53 27.11 -17.20
N ALA C 220 -1.39 26.98 -16.19
CA ALA C 220 -1.13 27.63 -14.90
C ALA C 220 0.10 26.96 -14.27
N GLU C 221 0.88 27.73 -13.50
CA GLU C 221 2.09 27.17 -12.84
C GLU C 221 1.82 26.20 -11.71
N SER C 222 0.69 26.40 -11.05
CA SER C 222 0.27 25.42 -10.09
C SER C 222 -1.22 25.36 -10.08
N ILE C 223 -1.75 24.13 -10.04
CA ILE C 223 -3.18 23.99 -9.95
C ILE C 223 -3.60 23.46 -8.60
N ILE C 224 -4.56 24.11 -7.97
CA ILE C 224 -5.03 23.61 -6.70
C ILE C 224 -6.46 23.11 -6.85
N LEU C 225 -6.63 21.80 -6.65
CA LEU C 225 -7.92 21.12 -6.71
C LEU C 225 -8.54 20.94 -5.33
N LEU C 226 -9.76 21.48 -5.19
CA LEU C 226 -10.53 21.44 -3.93
C LEU C 226 -11.67 20.48 -4.06
N ASN C 227 -11.97 19.80 -2.96
CA ASN C 227 -13.09 18.90 -2.91
C ASN C 227 -13.76 19.08 -1.59
N LYS C 228 -15.00 19.53 -1.58
CA LYS C 228 -15.69 19.87 -0.33
C LYS C 228 -14.76 20.53 0.72
N GLY C 229 -13.98 21.51 0.32
CA GLY C 229 -13.30 22.36 1.33
C GLY C 229 -11.86 22.01 1.63
N LYS C 230 -11.38 20.92 1.04
CA LYS C 230 -10.07 20.38 1.31
C LYS C 230 -9.28 20.32 -0.03
N ILE C 231 -7.97 20.60 0.01
CA ILE C 231 -7.12 20.46 -1.13
C ILE C 231 -6.84 18.95 -1.23
N VAL C 232 -7.13 18.35 -2.39
CA VAL C 232 -6.95 16.90 -2.58
C VAL C 232 -5.74 16.57 -3.50
N GLU C 233 -5.57 17.34 -4.57
CA GLU C 233 -4.40 17.28 -5.48
C GLU C 233 -3.86 18.70 -5.73
N LYS C 234 -2.54 18.84 -5.83
CA LYS C 234 -1.90 20.10 -6.18
C LYS C 234 -0.70 19.82 -7.09
N GLY C 235 -0.54 20.59 -8.16
CA GLY C 235 0.58 20.47 -9.08
C GLY C 235 0.34 21.03 -10.47
N THR C 236 1.24 20.72 -11.40
CA THR C 236 1.10 21.19 -12.77
C THR C 236 -0.01 20.37 -13.44
N HIS C 237 -0.52 20.84 -14.58
CA HIS C 237 -1.51 20.12 -15.31
C HIS C 237 -0.98 18.74 -15.72
N LYS C 238 0.29 18.68 -16.17
CA LYS C 238 0.89 17.44 -16.73
C LYS C 238 1.00 16.41 -15.63
N ASP C 239 1.57 16.81 -14.50
CA ASP C 239 1.56 16.00 -13.25
C ASP C 239 0.17 15.60 -12.78
N LEU C 240 -0.78 16.53 -12.74
CA LEU C 240 -2.11 16.12 -12.29
C LEU C 240 -2.80 15.09 -13.23
N LEU C 241 -2.49 15.10 -14.52
CA LEU C 241 -3.07 14.15 -15.46
C LEU C 241 -2.34 12.81 -15.38
N LYS C 242 -1.01 12.84 -15.16
CA LYS C 242 -0.20 11.63 -15.00
C LYS C 242 -0.63 10.87 -13.73
N LEU C 243 -0.90 11.62 -12.67
CA LEU C 243 -1.49 11.08 -11.44
C LEU C 243 -2.76 10.25 -11.69
N ASN C 244 -3.41 10.46 -12.82
CA ASN C 244 -4.68 9.79 -13.14
C ASN C 244 -5.70 9.73 -11.99
N GLY C 245 -5.89 10.85 -11.29
CA GLY C 245 -6.87 10.89 -10.23
C GLY C 245 -8.08 11.81 -10.41
N GLU C 246 -8.37 12.62 -9.39
CA GLU C 246 -9.57 13.50 -9.36
C GLU C 246 -9.55 14.63 -10.39
N TYR C 247 -8.40 15.25 -10.59
CA TYR C 247 -8.23 16.27 -11.62
C TYR C 247 -8.33 15.65 -13.03
N ALA C 248 -7.53 14.61 -13.30
CA ALA C 248 -7.72 13.83 -14.54
C ALA C 248 -9.20 13.45 -14.81
N GLU C 249 -9.91 13.02 -13.79
CA GLU C 249 -11.34 12.81 -13.91
C GLU C 249 -12.14 14.07 -14.29
N MET C 250 -11.92 15.23 -13.62
CA MET C 250 -12.61 16.46 -14.06
C MET C 250 -12.26 16.78 -15.47
N TRP C 251 -10.97 16.70 -15.81
CA TRP C 251 -10.50 17.00 -17.14
C TRP C 251 -11.16 16.09 -18.17
N ASN C 252 -11.21 14.78 -17.93
CA ASN C 252 -11.73 13.88 -18.97
C ASN C 252 -13.24 14.07 -19.14
N MET C 253 -13.95 14.42 -18.07
CA MET C 253 -15.34 14.88 -18.19
C MET C 253 -15.40 16.13 -19.04
N GLN C 254 -14.79 17.23 -18.55
CA GLN C 254 -14.48 18.44 -19.29
C GLN C 254 -14.92 19.75 -18.57
N GLU D 11 -0.69 -58.96 3.41
CA GLU D 11 -0.63 -57.55 3.93
C GLU D 11 -0.02 -57.45 5.35
N LYS D 12 -0.61 -58.17 6.31
CA LYS D 12 0.09 -58.57 7.52
C LYS D 12 1.39 -59.22 7.12
N LYS D 13 1.31 -60.09 6.12
CA LYS D 13 2.44 -60.90 5.65
C LYS D 13 3.50 -60.09 4.85
N PHE D 14 3.09 -58.99 4.22
CA PHE D 14 3.94 -58.34 3.24
C PHE D 14 4.17 -56.83 3.33
N GLY D 15 3.41 -56.11 4.15
CA GLY D 15 3.49 -54.64 4.11
C GLY D 15 2.18 -54.08 3.57
N VAL D 16 1.95 -52.76 3.71
CA VAL D 16 0.75 -52.08 3.17
C VAL D 16 1.14 -50.97 2.17
N ASN D 17 0.23 -50.61 1.24
CA ASN D 17 0.31 -49.46 0.32
C ASN D 17 0.06 -48.13 1.02
N ILE D 18 0.55 -47.05 0.41
CA ILE D 18 0.27 -45.70 0.86
C ILE D 18 0.05 -44.82 -0.37
N GLU D 19 -0.96 -43.96 -0.30
CA GLU D 19 -1.29 -43.07 -1.37
C GLU D 19 -1.65 -41.74 -0.75
N PHE D 20 -1.09 -40.64 -1.25
CA PHE D 20 -1.60 -39.26 -1.01
C PHE D 20 -2.23 -38.77 -2.31
N SER D 21 -3.56 -38.56 -2.32
CA SER D 21 -4.23 -37.91 -3.48
C SER D 21 -4.49 -36.42 -3.21
N ASP D 22 -3.81 -35.52 -3.94
CA ASP D 22 -4.17 -34.11 -3.95
C ASP D 22 -4.15 -33.52 -2.56
N VAL D 23 -3.15 -33.93 -1.78
CA VAL D 23 -2.99 -33.51 -0.41
C VAL D 23 -2.38 -32.10 -0.39
N ASN D 24 -3.12 -31.16 0.19
CA ASN D 24 -2.61 -29.80 0.48
C ASN D 24 -2.65 -29.53 1.98
N PHE D 25 -1.72 -28.75 2.51
CA PHE D 25 -1.71 -28.55 3.95
C PHE D 25 -0.98 -27.28 4.38
N SER D 26 -1.58 -26.59 5.35
CA SER D 26 -0.91 -25.53 6.11
C SER D 26 -1.15 -25.79 7.59
N TYR D 27 -0.16 -25.49 8.41
CA TYR D 27 -0.33 -25.69 9.86
C TYR D 27 -1.36 -24.71 10.45
N HIS D 33 -1.55 -20.52 3.08
CA HIS D 33 -0.08 -20.41 3.15
C HIS D 33 0.57 -21.80 3.18
N ARG D 34 0.29 -22.60 2.14
CA ARG D 34 0.54 -24.08 2.10
C ARG D 34 1.97 -24.56 2.44
N THR D 35 2.08 -25.48 3.40
CA THR D 35 3.34 -26.20 3.68
C THR D 35 3.57 -27.25 2.57
N LEU D 36 2.48 -27.92 2.19
CA LEU D 36 2.51 -28.95 1.17
C LEU D 36 1.51 -28.63 0.11
N LYS D 37 1.95 -28.63 -1.14
CA LYS D 37 1.11 -28.22 -2.26
C LYS D 37 0.90 -29.39 -3.26
N SER D 38 -0.35 -29.82 -3.40
CA SER D 38 -0.77 -30.84 -4.37
C SER D 38 0.15 -32.07 -4.37
N ILE D 39 0.13 -32.81 -3.27
CA ILE D 39 0.95 -34.00 -3.11
C ILE D 39 0.15 -35.19 -3.59
N ASN D 40 0.67 -35.78 -4.64
CA ASN D 40 0.17 -37.01 -5.19
C ASN D 40 1.33 -37.98 -5.27
N PHE D 41 1.19 -39.15 -4.65
CA PHE D 41 2.16 -40.21 -4.81
C PHE D 41 1.60 -41.59 -4.39
N PHE D 42 2.24 -42.65 -4.84
CA PHE D 42 1.88 -44.00 -4.45
C PHE D 42 3.08 -44.85 -4.05
N ILE D 43 3.00 -45.52 -2.90
CA ILE D 43 4.08 -46.34 -2.42
C ILE D 43 3.58 -47.79 -2.42
N PRO D 44 3.98 -48.58 -3.40
CA PRO D 44 3.53 -49.98 -3.22
C PRO D 44 4.09 -50.59 -1.96
N SER D 45 3.30 -51.50 -1.41
CA SER D 45 3.66 -52.23 -0.23
C SER D 45 4.91 -53.10 -0.38
N GLY D 46 5.74 -53.09 0.68
CA GLY D 46 7.01 -53.81 0.73
C GLY D 46 8.20 -53.16 0.04
N THR D 47 8.06 -51.89 -0.33
CA THR D 47 9.06 -51.11 -0.98
C THR D 47 9.42 -49.90 -0.12
N THR D 48 10.48 -49.20 -0.51
CA THR D 48 10.88 -48.05 0.20
C THR D 48 10.73 -46.84 -0.69
N CYS D 49 10.29 -45.75 -0.08
CA CYS D 49 10.23 -44.47 -0.77
C CYS D 49 11.12 -43.47 -0.03
N ALA D 50 11.97 -42.80 -0.78
CA ALA D 50 12.87 -41.79 -0.25
C ALA D 50 12.30 -40.39 -0.48
N LEU D 51 12.23 -39.61 0.59
CA LEU D 51 11.74 -38.23 0.55
C LEU D 51 12.95 -37.37 0.69
N VAL D 52 13.21 -36.54 -0.30
CA VAL D 52 14.42 -35.73 -0.31
C VAL D 52 14.06 -34.27 -0.61
N GLY D 53 15.03 -33.37 -0.34
CA GLY D 53 14.88 -31.92 -0.49
C GLY D 53 15.38 -31.05 0.65
N HIS D 54 15.66 -29.78 0.34
CA HIS D 54 16.12 -28.77 1.34
C HIS D 54 15.25 -28.67 2.59
N THR D 55 15.85 -28.34 3.73
CA THR D 55 15.07 -28.00 4.95
C THR D 55 13.94 -27.03 4.56
N GLY D 56 12.74 -27.22 5.12
CA GLY D 56 11.56 -26.40 4.77
C GLY D 56 10.72 -26.91 3.59
N SER D 57 11.26 -27.90 2.83
CA SER D 57 10.55 -28.45 1.66
C SER D 57 9.24 -29.12 2.04
N GLY D 58 9.11 -29.55 3.30
CA GLY D 58 7.91 -30.28 3.73
C GLY D 58 8.05 -31.79 3.94
N LYS D 59 9.28 -32.31 3.97
CA LYS D 59 9.52 -33.78 4.11
C LYS D 59 8.86 -34.42 5.35
N SER D 60 9.31 -34.03 6.54
CA SER D 60 8.74 -34.55 7.80
C SER D 60 7.28 -34.21 8.00
N THR D 61 6.76 -33.25 7.27
CA THR D 61 5.35 -32.93 7.29
C THR D 61 4.51 -34.04 6.66
N ILE D 62 5.06 -34.72 5.64
CA ILE D 62 4.39 -35.86 5.01
C ILE D 62 4.25 -36.96 6.06
N ALA D 63 5.28 -37.17 6.86
CA ALA D 63 5.25 -38.22 7.88
C ALA D 63 4.20 -37.97 8.96
N LYS D 64 4.14 -36.72 9.44
CA LYS D 64 3.20 -36.28 10.50
C LYS D 64 1.76 -36.45 10.09
N LEU D 65 1.50 -36.22 8.81
CA LEU D 65 0.23 -36.51 8.17
C LEU D 65 -0.06 -38.02 8.07
N LEU D 66 0.99 -38.80 7.81
CA LEU D 66 0.87 -40.25 7.78
C LEU D 66 0.55 -40.74 9.18
N TYR D 67 1.24 -40.19 10.17
CA TYR D 67 1.05 -40.60 11.59
C TYR D 67 -0.20 -39.96 12.21
N ARG D 68 -1.00 -39.34 11.36
CA ARG D 68 -2.28 -38.75 11.72
C ARG D 68 -2.13 -37.67 12.78
N PHE D 69 -0.96 -37.01 12.83
CA PHE D 69 -0.80 -35.84 13.72
C PHE D 69 -1.68 -34.68 13.27
N TYR D 70 -2.04 -34.68 11.98
CA TYR D 70 -2.93 -33.67 11.40
C TYR D 70 -3.78 -34.29 10.31
N ASP D 71 -4.77 -33.50 9.90
CA ASP D 71 -5.61 -33.82 8.76
C ASP D 71 -5.28 -32.79 7.73
N ALA D 72 -5.43 -33.14 6.46
CA ALA D 72 -5.09 -32.22 5.38
C ALA D 72 -6.20 -32.19 4.37
N GLU D 73 -6.13 -31.30 3.40
CA GLU D 73 -6.99 -31.37 2.23
C GLU D 73 -6.62 -32.66 1.45
N GLY D 74 -7.52 -33.18 0.62
CA GLY D 74 -7.26 -34.39 -0.15
C GLY D 74 -7.19 -35.63 0.70
N ASP D 75 -6.85 -36.75 0.09
CA ASP D 75 -7.03 -38.06 0.73
C ASP D 75 -5.71 -38.80 0.92
N ILE D 76 -5.58 -39.46 2.06
CA ILE D 76 -4.50 -40.35 2.37
C ILE D 76 -5.13 -41.72 2.59
N LYS D 77 -4.60 -42.74 1.92
CA LYS D 77 -5.19 -44.05 1.96
C LYS D 77 -4.15 -45.09 2.32
N ILE D 78 -4.46 -45.97 3.25
CA ILE D 78 -3.56 -47.08 3.58
C ILE D 78 -4.20 -48.42 3.17
N GLY D 79 -3.47 -49.22 2.41
CA GLY D 79 -4.02 -50.40 1.79
C GLY D 79 -5.34 -50.21 1.04
N GLY D 80 -5.52 -49.05 0.42
CA GLY D 80 -6.73 -48.77 -0.35
C GLY D 80 -7.84 -48.06 0.44
N LYS D 81 -7.59 -47.87 1.74
CA LYS D 81 -8.60 -47.40 2.66
C LYS D 81 -8.29 -46.01 3.19
N ASN D 82 -9.29 -45.15 3.24
CA ASN D 82 -9.04 -43.79 3.69
C ASN D 82 -8.77 -43.80 5.16
N VAL D 83 -7.74 -43.07 5.56
CA VAL D 83 -7.32 -43.05 6.96
C VAL D 83 -8.43 -42.49 7.87
N ASN D 84 -9.29 -41.64 7.30
CA ASN D 84 -10.35 -40.98 8.11
C ASN D 84 -11.53 -41.87 8.48
N LYS D 85 -11.63 -43.03 7.82
CA LYS D 85 -12.56 -44.10 8.16
C LYS D 85 -12.10 -44.90 9.39
N TYR D 86 -11.09 -44.43 10.11
CA TYR D 86 -10.52 -45.20 11.21
C TYR D 86 -10.12 -44.32 12.39
N ASN D 87 -10.00 -44.96 13.55
CA ASN D 87 -9.40 -44.35 14.73
C ASN D 87 -7.89 -44.17 14.53
N ARG D 88 -7.39 -43.02 14.96
CA ARG D 88 -6.00 -42.67 14.76
C ARG D 88 -4.97 -43.55 15.48
N ASN D 89 -5.38 -44.23 16.55
CA ASN D 89 -4.54 -45.23 17.22
C ASN D 89 -4.34 -46.47 16.37
N SER D 90 -5.39 -46.93 15.69
CA SER D 90 -5.31 -48.14 14.84
C SER D 90 -4.31 -47.93 13.68
N ILE D 91 -4.26 -46.70 13.18
CA ILE D 91 -3.30 -46.32 12.16
C ILE D 91 -1.87 -46.26 12.76
N ARG D 92 -1.67 -45.45 13.79
CA ARG D 92 -0.37 -45.36 14.46
C ARG D 92 0.26 -46.69 14.91
N SER D 93 -0.54 -47.69 15.23
CA SER D 93 0.04 -48.95 15.69
C SER D 93 0.60 -49.82 14.56
N ILE D 94 0.24 -49.48 13.30
CA ILE D 94 0.85 -50.16 12.18
C ILE D 94 2.08 -49.39 11.68
N ILE D 95 2.29 -48.19 12.23
CA ILE D 95 3.41 -47.30 11.89
C ILE D 95 4.51 -47.26 12.99
N GLY D 96 5.75 -47.36 12.59
CA GLY D 96 6.87 -47.21 13.52
C GLY D 96 7.69 -46.04 13.03
N ILE D 97 8.12 -45.15 13.92
CA ILE D 97 8.99 -44.05 13.51
C ILE D 97 10.34 -44.22 14.17
N VAL D 98 11.39 -43.99 13.39
CA VAL D 98 12.77 -43.98 13.86
C VAL D 98 13.32 -42.54 13.70
N PRO D 99 13.43 -41.79 14.80
CA PRO D 99 13.96 -40.43 14.66
C PRO D 99 15.49 -40.37 14.47
N GLN D 100 15.96 -39.17 14.12
CA GLN D 100 17.38 -38.83 14.02
C GLN D 100 18.06 -39.13 15.36
N ASP D 101 17.63 -38.41 16.39
CA ASP D 101 18.20 -38.59 17.71
C ASP D 101 17.14 -39.05 18.69
N THR D 102 17.55 -39.96 19.57
CA THR D 102 16.63 -40.74 20.35
C THR D 102 16.74 -40.41 21.84
N ILE D 103 15.57 -40.38 22.48
CA ILE D 103 15.42 -40.01 23.88
C ILE D 103 15.63 -41.22 24.79
N LEU D 104 16.73 -41.20 25.54
CA LEU D 104 17.10 -42.29 26.44
C LEU D 104 16.73 -42.01 27.89
N PHE D 105 15.97 -42.91 28.48
CA PHE D 105 15.52 -42.73 29.87
C PHE D 105 16.62 -43.23 30.79
N ASN D 106 16.85 -42.45 31.87
CA ASN D 106 17.84 -42.81 32.88
C ASN D 106 17.33 -44.00 33.60
N GLU D 107 17.68 -45.15 33.02
CA GLU D 107 17.09 -46.40 33.37
C GLU D 107 17.85 -47.50 32.64
N THR D 108 17.42 -48.73 32.80
CA THR D 108 18.14 -49.84 32.18
C THR D 108 18.02 -49.85 30.63
N ILE D 109 18.87 -50.65 29.98
CA ILE D 109 18.82 -50.74 28.53
C ILE D 109 17.54 -51.48 28.08
N LYS D 110 17.16 -52.49 28.87
CA LYS D 110 15.94 -53.21 28.61
C LYS D 110 14.72 -52.30 28.69
N TYR D 111 14.64 -51.51 29.76
CA TYR D 111 13.62 -50.48 29.96
C TYR D 111 13.52 -49.55 28.77
N ASN D 112 14.68 -49.21 28.19
CA ASN D 112 14.75 -48.33 27.05
C ASN D 112 14.29 -49.05 25.79
N ILE D 113 14.58 -50.34 25.67
CA ILE D 113 13.99 -51.07 24.56
C ILE D 113 12.48 -51.20 24.73
N LEU D 114 12.05 -51.55 25.95
CA LEU D 114 10.64 -51.80 26.28
C LEU D 114 9.71 -50.61 26.08
N TYR D 115 10.24 -49.40 26.19
CA TYR D 115 9.43 -48.23 25.88
C TYR D 115 8.64 -48.39 24.55
N GLY D 116 9.09 -49.27 23.64
CA GLY D 116 8.39 -49.54 22.36
C GLY D 116 7.10 -50.37 22.48
N LYS D 117 7.04 -51.23 23.48
CA LYS D 117 5.86 -52.08 23.74
C LYS D 117 6.07 -52.54 25.15
N LEU D 118 5.38 -51.88 26.08
CA LEU D 118 5.72 -52.01 27.51
C LEU D 118 5.69 -53.45 27.99
N ASP D 119 4.70 -54.20 27.48
CA ASP D 119 4.42 -55.59 27.85
C ASP D 119 4.99 -56.63 26.87
N ALA D 120 5.98 -56.23 26.05
CA ALA D 120 6.67 -57.15 25.13
C ALA D 120 7.32 -58.29 25.90
N THR D 121 7.23 -59.52 25.38
CA THR D 121 7.86 -60.66 26.05
C THR D 121 9.37 -60.59 25.91
N ASP D 122 10.07 -61.47 26.62
CA ASP D 122 11.50 -61.59 26.45
C ASP D 122 11.94 -62.05 25.05
N GLU D 123 11.26 -63.05 24.48
CA GLU D 123 11.66 -63.49 23.13
C GLU D 123 11.51 -62.35 22.10
N GLU D 124 10.57 -61.45 22.33
CA GLU D 124 10.30 -60.34 21.44
C GLU D 124 11.35 -59.29 21.59
N VAL D 125 11.92 -59.16 22.79
CA VAL D 125 12.95 -58.14 23.08
C VAL D 125 14.29 -58.65 22.53
N ILE D 126 14.48 -59.96 22.60
CA ILE D 126 15.64 -60.58 21.97
C ILE D 126 15.59 -60.47 20.43
N LYS D 127 14.50 -60.91 19.83
CA LYS D 127 14.24 -60.78 18.41
C LYS D 127 14.46 -59.33 17.91
N ALA D 128 13.79 -58.36 18.54
CA ALA D 128 13.97 -56.94 18.19
C ALA D 128 15.42 -56.45 18.27
N THR D 129 16.18 -56.86 19.31
CA THR D 129 17.54 -56.34 19.49
C THR D 129 18.60 -57.04 18.61
N LYS D 130 18.40 -58.33 18.33
CA LYS D 130 19.15 -58.99 17.25
C LYS D 130 18.94 -58.27 15.93
N SER D 131 17.70 -57.95 15.59
CA SER D 131 17.45 -57.27 14.32
C SER D 131 18.03 -55.84 14.26
N ALA D 132 18.21 -55.21 15.43
CA ALA D 132 18.69 -53.81 15.52
C ALA D 132 20.19 -53.79 15.71
N GLN D 133 20.83 -54.96 15.70
CA GLN D 133 22.30 -55.08 15.75
C GLN D 133 22.86 -54.67 17.11
N LEU D 134 22.08 -54.98 18.13
CA LEU D 134 22.35 -54.49 19.49
C LEU D 134 22.65 -55.62 20.47
N TYR D 135 22.35 -56.85 20.06
CA TYR D 135 22.43 -58.04 20.93
C TYR D 135 23.81 -58.48 21.47
N ASP D 136 24.81 -58.58 20.59
CA ASP D 136 26.17 -58.92 21.05
C ASP D 136 26.70 -57.78 21.96
N PHE D 137 26.39 -56.53 21.59
CA PHE D 137 26.79 -55.36 22.36
C PHE D 137 26.27 -55.50 23.79
N ILE D 138 24.96 -55.75 23.91
CA ILE D 138 24.31 -55.92 25.19
C ILE D 138 24.90 -57.06 26.01
N GLU D 139 25.10 -58.21 25.37
CA GLU D 139 25.73 -59.37 25.99
C GLU D 139 27.10 -59.03 26.52
N ALA D 140 27.83 -58.15 25.84
CA ALA D 140 29.14 -57.70 26.35
C ALA D 140 29.02 -56.72 27.53
N LEU D 141 27.91 -55.99 27.63
CA LEU D 141 27.76 -55.00 28.68
C LEU D 141 27.91 -55.66 30.05
N PRO D 142 28.53 -54.95 31.03
CA PRO D 142 28.88 -55.65 32.27
C PRO D 142 27.63 -56.14 33.04
N LYS D 143 26.50 -55.44 32.91
CA LYS D 143 25.27 -55.85 33.57
C LYS D 143 24.26 -56.38 32.55
N LYS D 144 24.74 -56.70 31.35
CA LYS D 144 23.94 -57.11 30.20
C LYS D 144 22.69 -56.23 30.05
N TRP D 145 21.50 -56.83 30.02
CA TRP D 145 20.24 -56.10 29.82
C TRP D 145 19.93 -55.06 30.93
N ASP D 146 20.65 -55.12 32.06
CA ASP D 146 20.39 -54.27 33.24
C ASP D 146 21.29 -53.06 33.39
N THR D 147 22.19 -52.90 32.43
CA THR D 147 23.10 -51.76 32.37
C THR D 147 22.32 -50.46 32.23
N ILE D 148 22.66 -49.49 33.07
CA ILE D 148 21.99 -48.18 33.13
C ILE D 148 22.60 -47.19 32.16
N VAL D 149 21.74 -46.52 31.36
CA VAL D 149 22.19 -45.68 30.25
C VAL D 149 21.70 -44.20 30.28
N LEU D 156 27.39 -44.04 25.41
CA LEU D 156 26.09 -44.22 24.72
C LEU D 156 26.06 -43.38 23.44
N SER D 157 26.39 -43.99 22.29
CA SER D 157 26.63 -43.21 21.06
C SER D 157 25.34 -42.79 20.36
N GLY D 158 25.40 -41.67 19.64
CA GLY D 158 24.34 -41.23 18.74
C GLY D 158 23.85 -42.32 17.78
N GLY D 159 24.77 -43.18 17.34
CA GLY D 159 24.48 -44.22 16.34
C GLY D 159 23.70 -45.38 16.95
N GLU D 160 24.26 -45.95 18.02
CA GLU D 160 23.60 -46.92 18.92
C GLU D 160 22.27 -46.45 19.59
N ARG D 161 22.13 -45.15 19.89
CA ARG D 161 20.86 -44.56 20.29
C ARG D 161 19.85 -44.69 19.17
N GLN D 162 20.25 -44.35 17.93
CA GLN D 162 19.36 -44.55 16.78
C GLN D 162 19.00 -46.05 16.57
N ARG D 163 19.88 -46.96 16.97
CA ARG D 163 19.57 -48.38 16.87
C ARG D 163 18.64 -48.91 18.01
N ILE D 164 18.65 -48.22 19.16
CA ILE D 164 17.62 -48.42 20.20
C ILE D 164 16.24 -48.02 19.69
N ALA D 165 16.16 -46.98 18.85
CA ALA D 165 14.88 -46.60 18.23
C ALA D 165 14.33 -47.67 17.23
N ILE D 166 15.20 -48.21 16.41
CA ILE D 166 14.86 -49.40 15.59
C ILE D 166 14.31 -50.54 16.47
N ALA D 167 15.09 -50.98 17.45
CA ALA D 167 14.61 -51.99 18.36
C ALA D 167 13.23 -51.68 18.98
N ARG D 168 13.02 -50.43 19.47
CA ARG D 168 11.74 -50.01 20.10
C ARG D 168 10.67 -50.13 19.06
N CYS D 169 10.99 -49.55 17.92
CA CYS D 169 10.05 -49.50 16.84
C CYS D 169 9.60 -50.88 16.32
N LEU D 170 10.50 -51.88 16.29
CA LEU D 170 10.15 -53.30 15.93
C LEU D 170 9.19 -54.07 16.86
N LEU D 171 9.18 -53.69 18.15
CA LEU D 171 8.43 -54.44 19.16
C LEU D 171 6.96 -54.41 18.86
N LYS D 172 6.52 -53.24 18.39
CA LYS D 172 5.16 -52.99 17.90
C LYS D 172 4.81 -53.82 16.66
N ASP D 173 5.83 -54.34 15.96
CA ASP D 173 5.71 -54.98 14.63
C ASP D 173 4.98 -54.18 13.57
N PRO D 174 5.45 -52.97 13.28
CA PRO D 174 4.70 -52.09 12.40
C PRO D 174 4.84 -52.54 10.93
N LYS D 175 3.88 -52.25 10.06
CA LYS D 175 4.00 -52.63 8.67
C LYS D 175 4.42 -51.45 7.81
N ILE D 176 4.61 -50.29 8.45
CA ILE D 176 5.09 -49.05 7.84
C ILE D 176 6.16 -48.49 8.81
N VAL D 177 7.39 -48.20 8.32
CA VAL D 177 8.47 -47.61 9.15
C VAL D 177 8.93 -46.28 8.55
N ILE D 178 8.93 -45.20 9.33
CA ILE D 178 9.38 -43.90 8.85
C ILE D 178 10.75 -43.65 9.50
N PHE D 179 11.79 -43.48 8.69
CA PHE D 179 13.18 -43.21 9.12
C PHE D 179 13.53 -41.78 8.87
N ASP D 180 14.16 -41.13 9.83
CA ASP D 180 14.87 -39.92 9.53
C ASP D 180 16.35 -40.15 9.75
N ASP D 187 30.67 -42.79 11.60
CA ASP D 187 31.88 -43.67 11.57
C ASP D 187 31.54 -44.89 10.68
N SER D 188 32.52 -45.44 9.97
CA SER D 188 32.24 -46.48 8.95
C SER D 188 31.52 -47.68 9.53
N LYS D 189 31.98 -48.20 10.67
CA LYS D 189 31.48 -49.46 11.20
C LYS D 189 30.06 -49.36 11.75
N THR D 190 29.72 -48.20 12.34
CA THR D 190 28.41 -48.06 12.89
C THR D 190 27.46 -47.64 11.77
N GLU D 191 28.00 -47.09 10.69
CA GLU D 191 27.20 -46.79 9.50
C GLU D 191 26.77 -48.13 8.88
N TYR D 192 27.68 -49.09 8.87
CA TYR D 192 27.43 -50.44 8.36
C TYR D 192 26.42 -51.18 9.23
N LEU D 193 26.54 -51.04 10.55
CA LEU D 193 25.62 -51.68 11.47
C LEU D 193 24.19 -51.22 11.25
N PHE D 194 24.04 -49.91 11.08
CA PHE D 194 22.77 -49.27 10.80
C PHE D 194 22.17 -49.76 9.48
N GLN D 195 22.97 -49.78 8.43
CA GLN D 195 22.48 -50.22 7.13
C GLN D 195 22.08 -51.69 7.26
N LYS D 196 22.75 -52.44 8.13
CA LYS D 196 22.40 -53.83 8.41
C LYS D 196 21.10 -53.92 9.24
N ALA D 197 20.86 -52.92 10.12
CA ALA D 197 19.61 -52.85 10.87
C ALA D 197 18.48 -52.54 9.91
N VAL D 198 18.63 -51.56 9.03
CA VAL D 198 17.52 -51.26 8.12
C VAL D 198 17.23 -52.35 7.10
N GLU D 199 18.26 -52.99 6.56
CA GLU D 199 18.05 -54.04 5.57
C GLU D 199 17.14 -55.13 6.13
N ASP D 200 17.29 -55.42 7.42
CA ASP D 200 16.49 -56.42 8.13
C ASP D 200 14.98 -56.04 8.30
N ASN D 204 10.04 -57.23 5.34
CA ASN D 204 8.81 -57.33 4.57
C ASN D 204 7.80 -56.27 5.00
N ARG D 205 8.24 -55.02 4.87
CA ARG D 205 7.55 -53.82 5.32
C ARG D 205 7.72 -52.75 4.28
N THR D 206 7.01 -51.65 4.46
CA THR D 206 7.08 -50.50 3.61
C THR D 206 7.80 -49.37 4.36
N LEU D 207 8.87 -48.85 3.77
CA LEU D 207 9.71 -47.82 4.40
C LEU D 207 9.60 -46.50 3.73
N ILE D 208 9.54 -45.46 4.56
CA ILE D 208 9.73 -44.11 4.11
C ILE D 208 11.01 -43.68 4.76
N ILE D 209 11.95 -43.21 3.95
CA ILE D 209 13.16 -42.66 4.50
C ILE D 209 13.25 -41.21 4.13
N ILE D 210 13.17 -40.35 5.15
CA ILE D 210 13.55 -38.94 5.00
C ILE D 210 15.08 -38.83 5.01
N ALA D 211 15.65 -38.37 3.90
CA ALA D 211 17.09 -38.42 3.67
C ALA D 211 17.65 -37.05 3.46
N HIS D 212 18.92 -36.89 3.81
CA HIS D 212 19.64 -35.62 3.63
C HIS D 212 20.86 -35.88 2.78
N ARG D 213 21.59 -36.96 3.09
CA ARG D 213 22.62 -37.52 2.21
C ARG D 213 21.99 -38.46 1.17
N LEU D 214 21.95 -37.96 -0.07
CA LEU D 214 21.31 -38.64 -1.19
C LEU D 214 21.85 -40.06 -1.44
N SER D 215 23.12 -40.26 -1.09
CA SER D 215 23.83 -41.54 -1.28
C SER D 215 23.25 -42.72 -0.50
N THR D 216 22.65 -42.46 0.65
CA THR D 216 22.01 -43.49 1.47
C THR D 216 20.67 -43.96 0.90
N ILE D 217 20.31 -43.44 -0.27
CA ILE D 217 18.93 -43.45 -0.75
C ILE D 217 18.84 -43.92 -2.20
N SER D 218 20.01 -44.04 -2.84
CA SER D 218 20.15 -44.34 -4.25
C SER D 218 19.40 -45.62 -4.66
N SER D 219 19.14 -46.52 -3.72
CA SER D 219 18.51 -47.76 -4.11
C SER D 219 17.03 -47.85 -3.77
N ALA D 220 16.43 -46.74 -3.29
CA ALA D 220 14.97 -46.66 -3.06
C ALA D 220 14.15 -46.90 -4.35
N GLU D 221 13.04 -47.65 -4.26
CA GLU D 221 12.20 -47.91 -5.45
C GLU D 221 11.62 -46.61 -6.04
N SER D 222 11.46 -45.62 -5.16
CA SER D 222 10.97 -44.33 -5.56
C SER D 222 11.61 -43.22 -4.70
N ILE D 223 12.03 -42.15 -5.35
CA ILE D 223 12.58 -41.00 -4.69
C ILE D 223 11.67 -39.81 -4.98
N ILE D 224 11.19 -39.18 -3.92
CA ILE D 224 10.37 -37.97 -4.05
C ILE D 224 11.18 -36.71 -3.71
N LEU D 225 11.32 -35.80 -4.67
CA LEU D 225 12.03 -34.55 -4.40
C LEU D 225 11.03 -33.46 -4.06
N LEU D 226 11.12 -32.96 -2.85
CA LEU D 226 10.24 -31.86 -2.50
C LEU D 226 10.99 -30.56 -2.62
N ASN D 227 10.38 -29.57 -3.28
CA ASN D 227 10.93 -28.22 -3.29
C ASN D 227 9.84 -27.25 -2.85
N LYS D 228 10.10 -26.54 -1.74
CA LYS D 228 9.08 -25.71 -1.07
C LYS D 228 7.65 -26.33 -1.11
N GLY D 229 7.54 -27.59 -0.67
CA GLY D 229 6.26 -28.32 -0.53
C GLY D 229 5.62 -28.84 -1.79
N LYS D 230 6.31 -28.67 -2.92
CA LYS D 230 5.91 -29.24 -4.19
C LYS D 230 6.80 -30.43 -4.50
N ILE D 231 6.20 -31.50 -5.02
CA ILE D 231 7.01 -32.60 -5.58
C ILE D 231 7.52 -32.06 -6.88
N VAL D 232 8.81 -31.80 -6.99
CA VAL D 232 9.28 -31.30 -8.27
C VAL D 232 9.79 -32.43 -9.21
N GLU D 233 10.14 -33.56 -8.65
CA GLU D 233 10.78 -34.67 -9.38
C GLU D 233 10.56 -35.97 -8.62
N LYS D 234 10.16 -37.01 -9.34
CA LYS D 234 9.84 -38.28 -8.73
C LYS D 234 10.26 -39.46 -9.65
N GLY D 235 11.01 -40.42 -9.13
CA GLY D 235 11.51 -41.46 -10.01
C GLY D 235 12.56 -42.27 -9.30
N THR D 236 13.14 -43.26 -10.01
CA THR D 236 14.32 -43.95 -9.50
C THR D 236 15.55 -43.04 -9.55
N HIS D 237 16.60 -43.42 -8.82
CA HIS D 237 17.86 -42.70 -8.77
C HIS D 237 18.39 -42.44 -10.16
N LYS D 238 18.37 -43.50 -10.99
CA LYS D 238 18.96 -43.43 -12.32
C LYS D 238 18.23 -42.46 -13.24
N ASP D 239 16.90 -42.41 -13.09
CA ASP D 239 16.07 -41.58 -13.92
C ASP D 239 16.20 -40.12 -13.45
N LEU D 240 16.37 -39.90 -12.17
CA LEU D 240 16.54 -38.53 -11.66
C LEU D 240 17.90 -37.95 -12.06
N LEU D 241 18.96 -38.77 -12.00
CA LEU D 241 20.25 -38.37 -12.55
C LEU D 241 20.23 -38.08 -14.04
N LYS D 242 19.58 -38.95 -14.80
CA LYS D 242 19.50 -38.82 -16.25
C LYS D 242 18.79 -37.52 -16.64
N LEU D 243 17.72 -37.22 -15.90
CA LEU D 243 16.93 -36.01 -16.09
C LEU D 243 17.87 -34.81 -16.02
N ASN D 244 18.86 -34.89 -15.13
CA ASN D 244 19.88 -33.90 -14.96
C ASN D 244 19.16 -32.58 -14.57
N GLY D 245 18.37 -32.67 -13.50
CA GLY D 245 17.50 -31.58 -13.09
C GLY D 245 17.93 -31.24 -11.69
N GLU D 246 16.96 -30.98 -10.82
CA GLU D 246 17.25 -30.64 -9.42
C GLU D 246 17.87 -31.77 -8.64
N TYR D 247 17.42 -33.01 -8.83
CA TYR D 247 18.03 -34.11 -8.08
C TYR D 247 19.50 -34.29 -8.46
N ALA D 248 19.80 -34.21 -9.75
CA ALA D 248 21.18 -34.38 -10.18
C ALA D 248 22.07 -33.24 -9.67
N GLU D 249 21.57 -32.01 -9.65
CA GLU D 249 22.32 -30.90 -9.08
C GLU D 249 22.79 -31.16 -7.63
N MET D 250 21.88 -31.63 -6.76
CA MET D 250 22.20 -31.95 -5.37
C MET D 250 23.09 -33.17 -5.24
N TRP D 251 22.84 -34.17 -6.07
CA TRP D 251 23.69 -35.36 -6.08
C TRP D 251 25.13 -34.94 -6.32
N ASN D 252 25.30 -34.02 -7.26
CA ASN D 252 26.59 -33.52 -7.74
C ASN D 252 27.30 -32.68 -6.73
N MET D 253 26.56 -31.82 -6.02
CA MET D 253 27.16 -31.08 -4.92
C MET D 253 27.32 -31.93 -3.68
N GLN D 254 27.73 -33.20 -3.84
CA GLN D 254 27.85 -34.10 -2.68
C GLN D 254 28.75 -35.32 -2.86
#